data_9MEP
# 
_entry.id   9MEP 
# 
_audit_conform.dict_name       mmcif_pdbx.dic 
_audit_conform.dict_version    5.403 
_audit_conform.dict_location   http://mmcif.pdb.org/dictionaries/ascii/mmcif_pdbx.dic 
# 
loop_
_database_2.database_id 
_database_2.database_code 
_database_2.pdbx_database_accession 
_database_2.pdbx_DOI 
PDB   9MEP         pdb_00009mep 10.2210/pdb9mep/pdb 
WWPDB D_1000290651 ?            ?                   
# 
loop_
_pdbx_audit_revision_history.ordinal 
_pdbx_audit_revision_history.data_content_type 
_pdbx_audit_revision_history.major_revision 
_pdbx_audit_revision_history.minor_revision 
_pdbx_audit_revision_history.revision_date 
_pdbx_audit_revision_history.part_number 
1 'Structure model' 1 0 2025-05-21 ? 
2 'Structure model' 1 1 2025-06-04 ? 
# 
_pdbx_audit_revision_details.ordinal             1 
_pdbx_audit_revision_details.revision_ordinal    1 
_pdbx_audit_revision_details.data_content_type   'Structure model' 
_pdbx_audit_revision_details.provider            repository 
_pdbx_audit_revision_details.type                'Initial release' 
_pdbx_audit_revision_details.description         ? 
_pdbx_audit_revision_details.details             ? 
# 
_pdbx_audit_revision_group.ordinal             1 
_pdbx_audit_revision_group.revision_ordinal    2 
_pdbx_audit_revision_group.data_content_type   'Structure model' 
_pdbx_audit_revision_group.group               'Database references' 
# 
loop_
_pdbx_audit_revision_category.ordinal 
_pdbx_audit_revision_category.revision_ordinal 
_pdbx_audit_revision_category.data_content_type 
_pdbx_audit_revision_category.category 
1 2 'Structure model' citation        
2 2 'Structure model' citation_author 
# 
loop_
_pdbx_audit_revision_item.ordinal 
_pdbx_audit_revision_item.revision_ordinal 
_pdbx_audit_revision_item.data_content_type 
_pdbx_audit_revision_item.item 
1 2 'Structure model' '_citation.journal_volume'          
2 2 'Structure model' '_citation.page_first'              
3 2 'Structure model' '_citation.page_last'               
4 2 'Structure model' '_citation_author.identifier_ORCID' 
# 
_pdbx_database_status.status_code                     REL 
_pdbx_database_status.status_code_sf                  REL 
_pdbx_database_status.status_code_mr                  ? 
_pdbx_database_status.entry_id                        9MEP 
_pdbx_database_status.recvd_initial_deposition_date   2024-12-07 
_pdbx_database_status.SG_entry                        N 
_pdbx_database_status.deposit_site                    RCSB 
_pdbx_database_status.process_site                    RCSB 
_pdbx_database_status.status_code_cs                  ? 
_pdbx_database_status.status_code_nmr_data            ? 
_pdbx_database_status.methods_development_category    ? 
_pdbx_database_status.pdb_format_compatible           Y 
# 
_pdbx_contact_author.id                 2 
_pdbx_contact_author.email              andyn@uic.edu 
_pdbx_contact_author.name_first         Andy 
_pdbx_contact_author.name_last          Nguyen 
_pdbx_contact_author.name_mi            I 
_pdbx_contact_author.role               'principal investigator/group leader' 
_pdbx_contact_author.identifier_ORCID   0000-0003-4137-6453 
# 
_audit_author.name               'Richardson-Matthews, R.M.' 
_audit_author.pdbx_ordinal       1 
_audit_author.identifier_ORCID   0000-0002-5871-0908 
# 
_citation.abstract                  ? 
_citation.abstract_id_CAS           ? 
_citation.book_id_ISBN              ? 
_citation.book_publisher            ? 
_citation.book_publisher_city       ? 
_citation.book_title                ? 
_citation.coordinate_linkage        ? 
_citation.country                   US 
_citation.database_id_Medline       ? 
_citation.details                   ? 
_citation.id                        primary 
_citation.journal_abbrev            J.Am.Chem.Soc. 
_citation.journal_id_ASTM           JACSAT 
_citation.journal_id_CSD            ? 
_citation.journal_id_ISSN           1520-5126 
_citation.journal_full              ? 
_citation.journal_issue             ? 
_citation.journal_volume            147 
_citation.language                  ? 
_citation.page_first                17433 
_citation.page_last                 17447 
_citation.title                     'Metal-alpha-Helix Peptide Frameworks.' 
_citation.year                      2025 
_citation.database_id_CSD           ? 
_citation.pdbx_database_id_DOI      10.1021/jacs.5c04078 
_citation.pdbx_database_id_PubMed   40328673 
_citation.pdbx_database_id_patent   ? 
_citation.unpublished_flag          ? 
# 
loop_
_citation_author.citation_id 
_citation_author.name 
_citation_author.ordinal 
_citation_author.identifier_ORCID 
primary 'Richardson-Matthews, R.' 1 ? 
primary 'Velko, K.'               2 ? 
primary 'Bhunia, B.'              3 ? 
primary 'Ghosh, S.'               4 ? 
primary 'Oktawiec, J.'            5 ? 
primary 'Brunzelle, J.S.'         6 ? 
primary 'Dang, V.T.'              7 ? 
primary 'Nguyen, A.I.'            8 ? 
# 
loop_
_entity.id 
_entity.type 
_entity.src_method 
_entity.pdbx_description 
_entity.formula_weight 
_entity.pdbx_number_of_molecules 
_entity.pdbx_ec 
_entity.pdbx_mutation 
_entity.pdbx_fragment 
_entity.details 
1 polymer     syn 'Co-MAHF-9 A8W'   1090.319 2  ? ? ? ? 
2 non-polymer syn 'COBALT (II) ION' 58.933   1  ? ? ? ? 
3 non-polymer syn METHANOL          32.042   2  ? ? ? ? 
4 water       nat water             18.015   11 ? ? ? ? 
# 
_entity_poly.entity_id                      1 
_entity_poly.type                           'polypeptide(L)' 
_entity_poly.nstd_linkage                   no 
_entity_poly.nstd_monomer                   yes 
_entity_poly.pdbx_seq_one_letter_code       '(ACE)L(AIB)E(AIB)LHW(AIB)L(NH2)' 
_entity_poly.pdbx_seq_one_letter_code_can   XLAEALHWALX 
_entity_poly.pdbx_strand_id                 A,B 
_entity_poly.pdbx_target_identifier         ? 
# 
loop_
_pdbx_entity_nonpoly.entity_id 
_pdbx_entity_nonpoly.name 
_pdbx_entity_nonpoly.comp_id 
2 'COBALT (II) ION' CO  
3 METHANOL          MOH 
4 water             HOH 
# 
loop_
_entity_poly_seq.entity_id 
_entity_poly_seq.num 
_entity_poly_seq.mon_id 
_entity_poly_seq.hetero 
1 1  ACE n 
1 2  LEU n 
1 3  AIB n 
1 4  GLU n 
1 5  AIB n 
1 6  LEU n 
1 7  HIS n 
1 8  TRP n 
1 9  AIB n 
1 10 LEU n 
1 11 NH2 n 
# 
_pdbx_entity_src_syn.entity_id              1 
_pdbx_entity_src_syn.pdbx_src_id            1 
_pdbx_entity_src_syn.pdbx_alt_source_flag   sample 
_pdbx_entity_src_syn.pdbx_beg_seq_num       1 
_pdbx_entity_src_syn.pdbx_end_seq_num       11 
_pdbx_entity_src_syn.organism_scientific    'synthetic construct' 
_pdbx_entity_src_syn.organism_common_name   ? 
_pdbx_entity_src_syn.ncbi_taxonomy_id       32630 
_pdbx_entity_src_syn.details                ? 
# 
loop_
_chem_comp.id 
_chem_comp.type 
_chem_comp.mon_nstd_flag 
_chem_comp.name 
_chem_comp.pdbx_synonyms 
_chem_comp.formula 
_chem_comp.formula_weight 
ACE non-polymer         . 'ACETYL GROUP'               ? 'C2 H4 O'        44.053  
AIB 'L-peptide linking' n 'ALPHA-AMINOISOBUTYRIC ACID' ? 'C4 H9 N O2'     103.120 
CO  non-polymer         . 'COBALT (II) ION'            ? 'Co 2'           58.933  
GLU 'L-peptide linking' y 'GLUTAMIC ACID'              ? 'C5 H9 N O4'     147.129 
HIS 'L-peptide linking' y HISTIDINE                    ? 'C6 H10 N3 O2 1' 156.162 
HOH non-polymer         . WATER                        ? 'H2 O'           18.015  
LEU 'L-peptide linking' y LEUCINE                      ? 'C6 H13 N O2'    131.173 
MOH non-polymer         . METHANOL                     ? 'C H4 O'         32.042  
NH2 non-polymer         . 'AMINO GROUP'                ? 'H2 N'           16.023  
TRP 'L-peptide linking' y TRYPTOPHAN                   ? 'C11 H12 N2 O2'  204.225 
# 
loop_
_pdbx_poly_seq_scheme.asym_id 
_pdbx_poly_seq_scheme.entity_id 
_pdbx_poly_seq_scheme.seq_id 
_pdbx_poly_seq_scheme.mon_id 
_pdbx_poly_seq_scheme.ndb_seq_num 
_pdbx_poly_seq_scheme.pdb_seq_num 
_pdbx_poly_seq_scheme.auth_seq_num 
_pdbx_poly_seq_scheme.pdb_mon_id 
_pdbx_poly_seq_scheme.auth_mon_id 
_pdbx_poly_seq_scheme.pdb_strand_id 
_pdbx_poly_seq_scheme.pdb_ins_code 
_pdbx_poly_seq_scheme.hetero 
A 1 1  ACE 1  1  1  ACE ACY A . n 
A 1 2  LEU 2  2  2  LEU LEU A . n 
A 1 3  AIB 3  3  3  AIB AIB A . n 
A 1 4  GLU 4  4  4  GLU GLU A . n 
A 1 5  AIB 5  5  5  AIB AIB A . n 
A 1 6  LEU 6  6  6  LEU LEU A . n 
A 1 7  HIS 7  7  7  HIS HIS A . n 
A 1 8  TRP 8  8  8  TRP TRP A . n 
A 1 9  AIB 9  9  9  AIB AIB A . n 
A 1 10 LEU 10 10 10 LEU LEU A . n 
A 1 11 NH2 11 11 11 NH2 NH3 A . n 
B 1 1  ACE 1  1  1  ACE ACY B . n 
B 1 2  LEU 2  2  2  LEU LEU B . n 
B 1 3  AIB 3  3  3  AIB AIB B . n 
B 1 4  GLU 4  4  4  GLU GLU B . n 
B 1 5  AIB 5  5  5  AIB AIB B . n 
B 1 6  LEU 6  6  6  LEU LEU B . n 
B 1 7  HIS 7  7  7  HIS HIS B . n 
B 1 8  TRP 8  8  8  TRP TRP B . n 
B 1 9  AIB 9  9  9  AIB AIB B . n 
B 1 10 LEU 10 10 10 LEU LEU B . n 
B 1 11 NH2 11 11 11 NH2 NH3 B . n 
# 
loop_
_pdbx_nonpoly_scheme.asym_id 
_pdbx_nonpoly_scheme.entity_id 
_pdbx_nonpoly_scheme.mon_id 
_pdbx_nonpoly_scheme.ndb_seq_num 
_pdbx_nonpoly_scheme.pdb_seq_num 
_pdbx_nonpoly_scheme.auth_seq_num 
_pdbx_nonpoly_scheme.pdb_mon_id 
_pdbx_nonpoly_scheme.auth_mon_id 
_pdbx_nonpoly_scheme.pdb_strand_id 
_pdbx_nonpoly_scheme.pdb_ins_code 
C 2 CO  1 101 1  CO  CO  A . 
D 3 MOH 1 101 12 MOH MOH B . 
E 3 MOH 1 102 13 MOH MOH B . 
F 4 HOH 1 201 8  HOH HOH A . 
F 4 HOH 2 202 1  HOH HOH A . 
F 4 HOH 3 203 4  HOH HOH A . 
F 4 HOH 4 204 3  HOH HOH A . 
F 4 HOH 5 205 2  HOH HOH A . 
G 4 HOH 1 201 11 HOH HOH B . 
G 4 HOH 2 202 6  HOH HOH B . 
G 4 HOH 3 203 10 HOH HOH B . 
G 4 HOH 4 204 7  HOH HOH B . 
G 4 HOH 5 205 9  HOH HOH B . 
G 4 HOH 6 206 5  HOH HOH B . 
# 
loop_
_software.citation_id 
_software.classification 
_software.compiler_name 
_software.compiler_version 
_software.contact_author 
_software.contact_author_email 
_software.date 
_software.description 
_software.dependencies 
_software.hardware 
_software.language 
_software.location 
_software.mods 
_software.name 
_software.os 
_software.os_version 
_software.type 
_software.version 
_software.pdbx_ordinal 
? refinement       ? ? ? ? ? ? ? ? ? ? ? PHENIX ? ? ? 1.20.1_4487 1 
? 'data reduction' ? ? ? ? ? ? ? ? ? ? ? XDS    ? ? ? .           2 
? 'data scaling'   ? ? ? ? ? ? ? ? ? ? ? XDS    ? ? ? .           3 
? phasing          ? ? ? ? ? ? ? ? ? ? ? PHASER ? ? ? .           4 
# 
_cell.angle_alpha                  89.760 
_cell.angle_alpha_esd              ? 
_cell.angle_beta                   87.000 
_cell.angle_beta_esd               ? 
_cell.angle_gamma                  72.400 
_cell.angle_gamma_esd              ? 
_cell.entry_id                     9MEP 
_cell.details                      ? 
_cell.formula_units_Z              ? 
_cell.length_a                     9.958 
_cell.length_a_esd                 ? 
_cell.length_b                     16.313 
_cell.length_b_esd                 ? 
_cell.length_c                     21.437 
_cell.length_c_esd                 ? 
_cell.volume                       3314.528 
_cell.volume_esd                   ? 
_cell.Z_PDB                        2 
_cell.reciprocal_angle_alpha       ? 
_cell.reciprocal_angle_beta        ? 
_cell.reciprocal_angle_gamma       ? 
_cell.reciprocal_angle_alpha_esd   ? 
_cell.reciprocal_angle_beta_esd    ? 
_cell.reciprocal_angle_gamma_esd   ? 
_cell.reciprocal_length_a          ? 
_cell.reciprocal_length_b          ? 
_cell.reciprocal_length_c          ? 
_cell.reciprocal_length_a_esd      ? 
_cell.reciprocal_length_b_esd      ? 
_cell.reciprocal_length_c_esd      ? 
_cell.pdbx_unique_axis             ? 
_cell.pdbx_esd_method              ? 
# 
_symmetry.entry_id                         9MEP 
_symmetry.cell_setting                     ? 
_symmetry.Int_Tables_number                1 
_symmetry.space_group_name_Hall            'P 1' 
_symmetry.space_group_name_H-M             'P 1' 
_symmetry.pdbx_full_space_group_name_H-M   ? 
# 
_exptl.absorpt_coefficient_mu     ? 
_exptl.absorpt_correction_T_max   ? 
_exptl.absorpt_correction_T_min   ? 
_exptl.absorpt_correction_type    ? 
_exptl.absorpt_process_details    ? 
_exptl.entry_id                   9MEP 
_exptl.crystals_number            1 
_exptl.details                    ? 
_exptl.method                     'X-RAY DIFFRACTION' 
_exptl.method_details             ? 
# 
_exptl_crystal.colour                       ? 
_exptl_crystal.density_diffrn               ? 
_exptl_crystal.density_Matthews             1.50 
_exptl_crystal.density_method               ? 
_exptl_crystal.density_percent_sol          17.82 
_exptl_crystal.description                  ? 
_exptl_crystal.F_000                        ? 
_exptl_crystal.id                           1 
_exptl_crystal.preparation                  ? 
_exptl_crystal.size_max                     ? 
_exptl_crystal.size_mid                     ? 
_exptl_crystal.size_min                     ? 
_exptl_crystal.size_rad                     ? 
_exptl_crystal.colour_lustre                ? 
_exptl_crystal.colour_modifier              ? 
_exptl_crystal.colour_primary               ? 
_exptl_crystal.density_meas                 ? 
_exptl_crystal.density_meas_esd             ? 
_exptl_crystal.density_meas_gt              ? 
_exptl_crystal.density_meas_lt              ? 
_exptl_crystal.density_meas_temp            ? 
_exptl_crystal.density_meas_temp_esd        ? 
_exptl_crystal.density_meas_temp_gt         ? 
_exptl_crystal.density_meas_temp_lt         ? 
_exptl_crystal.pdbx_crystal_image_url       ? 
_exptl_crystal.pdbx_crystal_image_format    ? 
_exptl_crystal.pdbx_mosaicity               ? 
_exptl_crystal.pdbx_mosaicity_esd           ? 
_exptl_crystal.pdbx_mosaic_method           ? 
_exptl_crystal.pdbx_mosaic_block_size       ? 
_exptl_crystal.pdbx_mosaic_block_size_esd   ? 
# 
_exptl_crystal_grow.apparatus       ? 
_exptl_crystal_grow.atmosphere      ? 
_exptl_crystal_grow.crystal_id      1 
_exptl_crystal_grow.details         ? 
_exptl_crystal_grow.method          'SLOW COOLING' 
_exptl_crystal_grow.method_ref      ? 
_exptl_crystal_grow.pH              ? 
_exptl_crystal_grow.pressure        ? 
_exptl_crystal_grow.pressure_esd    ? 
_exptl_crystal_grow.seeding         ? 
_exptl_crystal_grow.seeding_ref     ? 
_exptl_crystal_grow.temp_details    ? 
_exptl_crystal_grow.temp_esd        ? 
_exptl_crystal_grow.time            ? 
_exptl_crystal_grow.pdbx_details    'water, acetonitrile, cobalt acetate' 
_exptl_crystal_grow.pdbx_pH_range   ? 
_exptl_crystal_grow.temp            298 
# 
_diffrn.ambient_environment              ? 
_diffrn.ambient_temp                     100 
_diffrn.ambient_temp_details             ? 
_diffrn.ambient_temp_esd                 ? 
_diffrn.crystal_id                       1 
_diffrn.crystal_support                  ? 
_diffrn.crystal_treatment                ? 
_diffrn.details                          ? 
_diffrn.id                               1 
_diffrn.ambient_pressure                 ? 
_diffrn.ambient_pressure_esd             ? 
_diffrn.ambient_pressure_gt              ? 
_diffrn.ambient_pressure_lt              ? 
_diffrn.ambient_temp_gt                  ? 
_diffrn.ambient_temp_lt                  ? 
_diffrn.pdbx_serial_crystal_experiment   N 
# 
_diffrn_detector.details                      ? 
_diffrn_detector.detector                     CCD 
_diffrn_detector.diffrn_id                    1 
_diffrn_detector.type                         'MARMOSAIC 300 mm CCD' 
_diffrn_detector.area_resol_mean              ? 
_diffrn_detector.dtime                        ? 
_diffrn_detector.pdbx_frames_total            ? 
_diffrn_detector.pdbx_collection_time_total   ? 
_diffrn_detector.pdbx_collection_date         2022-07-26 
_diffrn_detector.pdbx_frequency               ? 
_diffrn_detector.id                           ? 
_diffrn_detector.number_of_axes               ? 
# 
_diffrn_radiation.collimation                      ? 
_diffrn_radiation.diffrn_id                        1 
_diffrn_radiation.filter_edge                      ? 
_diffrn_radiation.inhomogeneity                    ? 
_diffrn_radiation.monochromator                    ? 
_diffrn_radiation.polarisn_norm                    ? 
_diffrn_radiation.polarisn_ratio                   ? 
_diffrn_radiation.probe                            ? 
_diffrn_radiation.type                             ? 
_diffrn_radiation.xray_symbol                      ? 
_diffrn_radiation.wavelength_id                    1 
_diffrn_radiation.pdbx_monochromatic_or_laue_m_l   M 
_diffrn_radiation.pdbx_wavelength_list             ? 
_diffrn_radiation.pdbx_wavelength                  ? 
_diffrn_radiation.pdbx_diffrn_protocol             'SINGLE WAVELENGTH' 
_diffrn_radiation.pdbx_analyzer                    ? 
_diffrn_radiation.pdbx_scattering_type             x-ray 
# 
_diffrn_radiation_wavelength.id           1 
_diffrn_radiation_wavelength.wavelength   0.978560 
_diffrn_radiation_wavelength.wt           1.0 
# 
_diffrn_source.current                     ? 
_diffrn_source.details                     ? 
_diffrn_source.diffrn_id                   1 
_diffrn_source.power                       ? 
_diffrn_source.size                        ? 
_diffrn_source.source                      SYNCHROTRON 
_diffrn_source.target                      ? 
_diffrn_source.type                        'APS BEAMLINE 21-ID-G' 
_diffrn_source.voltage                     ? 
_diffrn_source.take-off_angle              ? 
_diffrn_source.pdbx_wavelength_list        0.978560 
_diffrn_source.pdbx_wavelength             ? 
_diffrn_source.pdbx_synchrotron_beamline   21-ID-G 
_diffrn_source.pdbx_synchrotron_site       APS 
# 
_reflns.B_iso_Wilson_estimate                          5.99 
_reflns.entry_id                                       9MEP 
_reflns.data_reduction_details                         ? 
_reflns.data_reduction_method                          ? 
_reflns.d_resolution_high                              0.99 
_reflns.d_resolution_low                               15.55 
_reflns.details                                        ? 
_reflns.limit_h_max                                    ? 
_reflns.limit_h_min                                    ? 
_reflns.limit_k_max                                    ? 
_reflns.limit_k_min                                    ? 
_reflns.limit_l_max                                    ? 
_reflns.limit_l_min                                    ? 
_reflns.number_all                                     ? 
_reflns.number_obs                                     6172 
_reflns.observed_criterion                             ? 
_reflns.observed_criterion_F_max                       ? 
_reflns.observed_criterion_F_min                       ? 
_reflns.observed_criterion_I_max                       ? 
_reflns.observed_criterion_I_min                       ? 
_reflns.observed_criterion_sigma_F                     ? 
_reflns.observed_criterion_sigma_I                     ? 
_reflns.percent_possible_obs                           86.31 
_reflns.R_free_details                                 ? 
_reflns.Rmerge_F_all                                   ? 
_reflns.Rmerge_F_obs                                   ? 
_reflns.Friedel_coverage                               ? 
_reflns.number_gt                                      ? 
_reflns.threshold_expression                           ? 
_reflns.pdbx_redundancy                                3.4 
_reflns.pdbx_netI_over_av_sigmaI                       ? 
_reflns.pdbx_netI_over_sigmaI                          11.78 
_reflns.pdbx_res_netI_over_av_sigmaI_2                 ? 
_reflns.pdbx_res_netI_over_sigmaI_2                    ? 
_reflns.pdbx_chi_squared                               ? 
_reflns.pdbx_scaling_rejects                           ? 
_reflns.pdbx_d_res_high_opt                            ? 
_reflns.pdbx_d_res_low_opt                             ? 
_reflns.pdbx_d_res_opt_method                          ? 
_reflns.phase_calculation_details                      ? 
_reflns.pdbx_Rrim_I_all                                ? 
_reflns.pdbx_Rpim_I_all                                ? 
_reflns.pdbx_d_opt                                     ? 
_reflns.pdbx_number_measured_all                       ? 
_reflns.pdbx_diffrn_id                                 1 
_reflns.pdbx_ordinal                                   1 
_reflns.pdbx_CC_half                                   0.954 
_reflns.pdbx_CC_star                                   ? 
_reflns.pdbx_R_split                                   ? 
_reflns.pdbx_Rmerge_I_obs                              ? 
_reflns.pdbx_Rmerge_I_all                              ? 
_reflns.pdbx_Rsym_value                                ? 
_reflns.pdbx_CC_split_method                           ? 
_reflns.pdbx_aniso_diffraction_limit_axis_1_ortho[1]   ? 
_reflns.pdbx_aniso_diffraction_limit_axis_1_ortho[2]   ? 
_reflns.pdbx_aniso_diffraction_limit_axis_1_ortho[3]   ? 
_reflns.pdbx_aniso_diffraction_limit_axis_2_ortho[1]   ? 
_reflns.pdbx_aniso_diffraction_limit_axis_2_ortho[2]   ? 
_reflns.pdbx_aniso_diffraction_limit_axis_2_ortho[3]   ? 
_reflns.pdbx_aniso_diffraction_limit_axis_3_ortho[1]   ? 
_reflns.pdbx_aniso_diffraction_limit_axis_3_ortho[2]   ? 
_reflns.pdbx_aniso_diffraction_limit_axis_3_ortho[3]   ? 
_reflns.pdbx_aniso_diffraction_limit_1                 ? 
_reflns.pdbx_aniso_diffraction_limit_2                 ? 
_reflns.pdbx_aniso_diffraction_limit_3                 ? 
_reflns.pdbx_aniso_B_tensor_eigenvector_1_ortho[1]     ? 
_reflns.pdbx_aniso_B_tensor_eigenvector_1_ortho[2]     ? 
_reflns.pdbx_aniso_B_tensor_eigenvector_1_ortho[3]     ? 
_reflns.pdbx_aniso_B_tensor_eigenvector_2_ortho[1]     ? 
_reflns.pdbx_aniso_B_tensor_eigenvector_2_ortho[2]     ? 
_reflns.pdbx_aniso_B_tensor_eigenvector_2_ortho[3]     ? 
_reflns.pdbx_aniso_B_tensor_eigenvector_3_ortho[1]     ? 
_reflns.pdbx_aniso_B_tensor_eigenvector_3_ortho[2]     ? 
_reflns.pdbx_aniso_B_tensor_eigenvector_3_ortho[3]     ? 
_reflns.pdbx_aniso_B_tensor_eigenvalue_1               ? 
_reflns.pdbx_aniso_B_tensor_eigenvalue_2               ? 
_reflns.pdbx_aniso_B_tensor_eigenvalue_3               ? 
_reflns.pdbx_orthogonalization_convention              ? 
_reflns.pdbx_percent_possible_ellipsoidal              ? 
_reflns.pdbx_percent_possible_spherical                ? 
_reflns.pdbx_percent_possible_ellipsoidal_anomalous    ? 
_reflns.pdbx_percent_possible_spherical_anomalous      ? 
_reflns.pdbx_redundancy_anomalous                      ? 
_reflns.pdbx_CC_half_anomalous                         ? 
_reflns.pdbx_absDiff_over_sigma_anomalous              ? 
_reflns.pdbx_percent_possible_anomalous                ? 
_reflns.pdbx_observed_signal_threshold                 ? 
_reflns.pdbx_signal_type                               ? 
_reflns.pdbx_signal_details                            ? 
_reflns.pdbx_signal_software_id                        ? 
# 
_reflns_shell.d_res_high                                    0.99 
_reflns_shell.d_res_low                                     1.025 
_reflns_shell.meanI_over_sigI_all                           ? 
_reflns_shell.meanI_over_sigI_obs                           ? 
_reflns_shell.number_measured_all                           ? 
_reflns_shell.number_measured_obs                           ? 
_reflns_shell.number_possible                               ? 
_reflns_shell.number_unique_all                             ? 
_reflns_shell.number_unique_obs                             464 
_reflns_shell.percent_possible_obs                          ? 
_reflns_shell.Rmerge_F_all                                  ? 
_reflns_shell.Rmerge_F_obs                                  ? 
_reflns_shell.meanI_over_sigI_gt                            ? 
_reflns_shell.meanI_over_uI_all                             ? 
_reflns_shell.meanI_over_uI_gt                              ? 
_reflns_shell.number_measured_gt                            ? 
_reflns_shell.number_unique_gt                              ? 
_reflns_shell.percent_possible_gt                           ? 
_reflns_shell.Rmerge_F_gt                                   ? 
_reflns_shell.Rmerge_I_gt                                   ? 
_reflns_shell.pdbx_redundancy                               ? 
_reflns_shell.pdbx_chi_squared                              ? 
_reflns_shell.pdbx_netI_over_sigmaI_all                     ? 
_reflns_shell.pdbx_netI_over_sigmaI_obs                     ? 
_reflns_shell.pdbx_Rrim_I_all                               ? 
_reflns_shell.pdbx_Rpim_I_all                               ? 
_reflns_shell.pdbx_rejects                                  ? 
_reflns_shell.pdbx_ordinal                                  1 
_reflns_shell.pdbx_diffrn_id                                1 
_reflns_shell.pdbx_CC_half                                  0.913 
_reflns_shell.pdbx_CC_star                                  ? 
_reflns_shell.pdbx_R_split                                  ? 
_reflns_shell.percent_possible_all                          ? 
_reflns_shell.Rmerge_I_all                                  ? 
_reflns_shell.Rmerge_I_obs                                  ? 
_reflns_shell.pdbx_Rsym_value                               ? 
_reflns_shell.pdbx_percent_possible_ellipsoidal             ? 
_reflns_shell.pdbx_percent_possible_spherical               ? 
_reflns_shell.pdbx_percent_possible_ellipsoidal_anomalous   ? 
_reflns_shell.pdbx_percent_possible_spherical_anomalous     ? 
_reflns_shell.pdbx_redundancy_anomalous                     ? 
_reflns_shell.pdbx_CC_half_anomalous                        ? 
_reflns_shell.pdbx_absDiff_over_sigma_anomalous             ? 
_reflns_shell.pdbx_percent_possible_anomalous               ? 
# 
_refine.aniso_B[1][1]                            ? 
_refine.aniso_B[1][2]                            ? 
_refine.aniso_B[1][3]                            ? 
_refine.aniso_B[2][2]                            ? 
_refine.aniso_B[2][3]                            ? 
_refine.aniso_B[3][3]                            ? 
_refine.B_iso_max                                ? 
_refine.B_iso_mean                               7.50 
_refine.B_iso_min                                ? 
_refine.correlation_coeff_Fo_to_Fc               ? 
_refine.correlation_coeff_Fo_to_Fc_free          ? 
_refine.details                                  ? 
_refine.diff_density_max                         ? 
_refine.diff_density_max_esd                     ? 
_refine.diff_density_min                         ? 
_refine.diff_density_min_esd                     ? 
_refine.diff_density_rms                         ? 
_refine.diff_density_rms_esd                     ? 
_refine.entry_id                                 9MEP 
_refine.pdbx_refine_id                           'X-RAY DIFFRACTION' 
_refine.ls_abs_structure_details                 ? 
_refine.ls_abs_structure_Flack                   ? 
_refine.ls_abs_structure_Flack_esd               ? 
_refine.ls_abs_structure_Rogers                  ? 
_refine.ls_abs_structure_Rogers_esd              ? 
_refine.ls_d_res_high                            0.99 
_refine.ls_d_res_low                             15.55 
_refine.ls_extinction_coef                       ? 
_refine.ls_extinction_coef_esd                   ? 
_refine.ls_extinction_expression                 ? 
_refine.ls_extinction_method                     ? 
_refine.ls_goodness_of_fit_all                   ? 
_refine.ls_goodness_of_fit_all_esd               ? 
_refine.ls_goodness_of_fit_obs                   ? 
_refine.ls_goodness_of_fit_obs_esd               ? 
_refine.ls_hydrogen_treatment                    ? 
_refine.ls_matrix_type                           ? 
_refine.ls_number_constraints                    ? 
_refine.ls_number_parameters                     ? 
_refine.ls_number_reflns_all                     ? 
_refine.ls_number_reflns_obs                     6172 
_refine.ls_number_reflns_R_free                  1067 
_refine.ls_number_reflns_R_work                  9680 
_refine.ls_number_restraints                     ? 
_refine.ls_percent_reflns_obs                    75.21 
_refine.ls_percent_reflns_R_free                 9.93 
_refine.ls_R_factor_all                          ? 
_refine.ls_R_factor_obs                          0.0960 
_refine.ls_R_factor_R_free                       0.1163 
_refine.ls_R_factor_R_free_error                 ? 
_refine.ls_R_factor_R_free_error_details         ? 
_refine.ls_R_factor_R_work                       0.0939 
_refine.ls_R_Fsqd_factor_obs                     ? 
_refine.ls_R_I_factor_obs                        ? 
_refine.ls_redundancy_reflns_all                 ? 
_refine.ls_redundancy_reflns_obs                 ? 
_refine.ls_restrained_S_all                      ? 
_refine.ls_restrained_S_obs                      ? 
_refine.ls_shift_over_esd_max                    ? 
_refine.ls_shift_over_esd_mean                   ? 
_refine.ls_structure_factor_coef                 ? 
_refine.ls_weighting_details                     ? 
_refine.ls_weighting_scheme                      ? 
_refine.ls_wR_factor_all                         ? 
_refine.ls_wR_factor_obs                         ? 
_refine.ls_wR_factor_R_free                      ? 
_refine.ls_wR_factor_R_work                      ? 
_refine.occupancy_max                            ? 
_refine.occupancy_min                            ? 
_refine.solvent_model_details                    'FLAT BULK SOLVENT MODEL' 
_refine.solvent_model_param_bsol                 ? 
_refine.solvent_model_param_ksol                 ? 
_refine.pdbx_R_complete                          ? 
_refine.ls_R_factor_gt                           ? 
_refine.ls_goodness_of_fit_gt                    ? 
_refine.ls_goodness_of_fit_ref                   ? 
_refine.ls_shift_over_su_max                     ? 
_refine.ls_shift_over_su_max_lt                  ? 
_refine.ls_shift_over_su_mean                    ? 
_refine.ls_shift_over_su_mean_lt                 ? 
_refine.pdbx_ls_sigma_I                          ? 
_refine.pdbx_ls_sigma_F                          2.03 
_refine.pdbx_ls_sigma_Fsqd                       ? 
_refine.pdbx_data_cutoff_high_absF               ? 
_refine.pdbx_data_cutoff_high_rms_absF           ? 
_refine.pdbx_data_cutoff_low_absF                ? 
_refine.pdbx_isotropic_thermal_model             ? 
_refine.pdbx_ls_cross_valid_method               'FREE R-VALUE' 
_refine.pdbx_method_to_determine_struct          'MOLECULAR REPLACEMENT' 
_refine.pdbx_starting_model                      ? 
_refine.pdbx_stereochemistry_target_values       'GeoStd + Monomer Library + CDL v1.2' 
_refine.pdbx_R_Free_selection_details            ? 
_refine.pdbx_stereochem_target_val_spec_case     ? 
_refine.pdbx_overall_ESU_R                       ? 
_refine.pdbx_overall_ESU_R_Free                  ? 
_refine.pdbx_solvent_vdw_probe_radii             1.1000 
_refine.pdbx_solvent_ion_probe_radii             ? 
_refine.pdbx_solvent_shrinkage_radii             0.9000 
_refine.pdbx_real_space_R                        ? 
_refine.pdbx_density_correlation                 ? 
_refine.pdbx_pd_number_of_powder_patterns        ? 
_refine.pdbx_pd_number_of_points                 ? 
_refine.pdbx_pd_meas_number_of_points            ? 
_refine.pdbx_pd_proc_ls_prof_R_factor            ? 
_refine.pdbx_pd_proc_ls_prof_wR_factor           ? 
_refine.pdbx_pd_Marquardt_correlation_coeff      ? 
_refine.pdbx_pd_Fsqrd_R_factor                   ? 
_refine.pdbx_pd_ls_matrix_band_width             ? 
_refine.pdbx_overall_phase_error                 14.0996 
_refine.pdbx_overall_SU_R_free_Cruickshank_DPI   ? 
_refine.pdbx_overall_SU_R_free_Blow_DPI          ? 
_refine.pdbx_overall_SU_R_Blow_DPI               ? 
_refine.pdbx_TLS_residual_ADP_flag               ? 
_refine.pdbx_diffrn_id                           1 
_refine.overall_SU_B                             ? 
_refine.overall_SU_ML                            0.0975 
_refine.overall_SU_R_Cruickshank_DPI             ? 
_refine.overall_SU_R_free                        ? 
_refine.overall_FOM_free_R_set                   ? 
_refine.overall_FOM_work_R_set                   ? 
_refine.pdbx_average_fsc_overall                 ? 
_refine.pdbx_average_fsc_work                    ? 
_refine.pdbx_average_fsc_free                    ? 
# 
_refine_hist.pdbx_refine_id                   'X-RAY DIFFRACTION' 
_refine_hist.cycle_id                         LAST 
_refine_hist.details                          ? 
_refine_hist.d_res_high                       0.99 
_refine_hist.d_res_low                        15.55 
_refine_hist.number_atoms_solvent             11 
_refine_hist.number_atoms_total               174 
_refine_hist.number_reflns_all                ? 
_refine_hist.number_reflns_obs                ? 
_refine_hist.number_reflns_R_free             ? 
_refine_hist.number_reflns_R_work             ? 
_refine_hist.R_factor_all                     ? 
_refine_hist.R_factor_obs                     ? 
_refine_hist.R_factor_R_free                  ? 
_refine_hist.R_factor_R_work                  ? 
_refine_hist.pdbx_number_residues_total       ? 
_refine_hist.pdbx_B_iso_mean_ligand           ? 
_refine_hist.pdbx_B_iso_mean_solvent          ? 
_refine_hist.pdbx_number_atoms_protein        150 
_refine_hist.pdbx_number_atoms_nucleic_acid   0 
_refine_hist.pdbx_number_atoms_ligand         13 
_refine_hist.pdbx_number_atoms_lipid          ? 
_refine_hist.pdbx_number_atoms_carb           ? 
_refine_hist.pdbx_pseudo_atom_details         ? 
# 
loop_
_refine_ls_restr.pdbx_refine_id 
_refine_ls_restr.criterion 
_refine_ls_restr.dev_ideal 
_refine_ls_restr.dev_ideal_target 
_refine_ls_restr.number 
_refine_ls_restr.rejects 
_refine_ls_restr.type 
_refine_ls_restr.weight 
_refine_ls_restr.pdbx_restraint_function 
'X-RAY DIFFRACTION' ? 0.0088  ? 238 ? f_bond_d           ? ? 
'X-RAY DIFFRACTION' ? 1.5159  ? 334 ? f_angle_d          ? ? 
'X-RAY DIFFRACTION' ? 0.0589  ? 27  ? f_chiral_restr     ? ? 
'X-RAY DIFFRACTION' ? 0.0065  ? 34  ? f_plane_restr      ? ? 
'X-RAY DIFFRACTION' ? 19.3262 ? 31  ? f_dihedral_angle_d ? ? 
# 
loop_
_refine_ls_shell.pdbx_refine_id 
_refine_ls_shell.d_res_high 
_refine_ls_shell.d_res_low 
_refine_ls_shell.number_reflns_all 
_refine_ls_shell.number_reflns_obs 
_refine_ls_shell.number_reflns_R_free 
_refine_ls_shell.number_reflns_R_work 
_refine_ls_shell.percent_reflns_obs 
_refine_ls_shell.percent_reflns_R_free 
_refine_ls_shell.R_factor_all 
_refine_ls_shell.R_factor_obs 
_refine_ls_shell.R_factor_R_free_error 
_refine_ls_shell.R_factor_R_work 
_refine_ls_shell.redundancy_reflns_all 
_refine_ls_shell.redundancy_reflns_obs 
_refine_ls_shell.wR_factor_all 
_refine_ls_shell.wR_factor_obs 
_refine_ls_shell.wR_factor_R_free 
_refine_ls_shell.wR_factor_R_work 
_refine_ls_shell.pdbx_R_complete 
_refine_ls_shell.pdbx_total_number_of_bins_used 
_refine_ls_shell.pdbx_phase_error 
_refine_ls_shell.pdbx_fsc_work 
_refine_ls_shell.pdbx_fsc_free 
_refine_ls_shell.R_factor_R_free 
'X-RAY DIFFRACTION' 0.99 1.04  . . 115 967  61.48 . . . . 0.2500 . . . . . . . . . . . 0.2617 
'X-RAY DIFFRACTION' 1.04 1.09  . . 139 1235 74.35 . . . . 0.1627 . . . . . . . . . . . 0.2134 
'X-RAY DIFFRACTION' 1.09 1.16  . . 133 1147 73.48 . . . . 0.1214 . . . . . . . . . . . 0.1668 
'X-RAY DIFFRACTION' 1.16 1.25  . . 144 1251 76.73 . . . . 0.1028 . . . . . . . . . . . 0.1295 
'X-RAY DIFFRACTION' 1.25 1.37  . . 132 1213 77.12 . . . . 0.1034 . . . . . . . . . . . 0.1165 
'X-RAY DIFFRACTION' 1.37 1.57  . . 123 1281 79.05 . . . . 0.0807 . . . . . . . . . . . 0.1293 
'X-RAY DIFFRACTION' 1.57 1.98  . . 138 1353 81.74 . . . . 0.0774 . . . . . . . . . . . 0.0996 
'X-RAY DIFFRACTION' 1.98 15.55 . . 143 1233 77.65 . . . . 0.0755 . . . . . . . . . . . 0.0816 
# 
_struct.entry_id                     9MEP 
_struct.title                        'Co-MAHF-9 A8W Metal Alpha-Helix Framework' 
_struct.pdbx_model_details           ? 
_struct.pdbx_formula_weight          ? 
_struct.pdbx_formula_weight_method   ? 
_struct.pdbx_model_type_details      ? 
_struct.pdbx_CASP_flag               N 
# 
_struct_keywords.entry_id        9MEP 
_struct_keywords.text            'synthetic construct, DE NOVO PROTEIN' 
_struct_keywords.pdbx_keywords   'DE NOVO PROTEIN' 
# 
loop_
_struct_asym.id 
_struct_asym.pdbx_blank_PDB_chainid_flag 
_struct_asym.pdbx_modified 
_struct_asym.entity_id 
_struct_asym.details 
A N N 1 ? 
B N N 1 ? 
C N N 2 ? 
D N N 3 ? 
E N N 3 ? 
F N N 4 ? 
G N N 4 ? 
# 
_struct_ref.id                         1 
_struct_ref.db_name                    PDB 
_struct_ref.db_code                    9MEP 
_struct_ref.pdbx_db_accession          9MEP 
_struct_ref.pdbx_db_isoform            ? 
_struct_ref.entity_id                  1 
_struct_ref.pdbx_seq_one_letter_code   ? 
_struct_ref.pdbx_align_begin           1 
# 
loop_
_struct_ref_seq.align_id 
_struct_ref_seq.ref_id 
_struct_ref_seq.pdbx_PDB_id_code 
_struct_ref_seq.pdbx_strand_id 
_struct_ref_seq.seq_align_beg 
_struct_ref_seq.pdbx_seq_align_beg_ins_code 
_struct_ref_seq.seq_align_end 
_struct_ref_seq.pdbx_seq_align_end_ins_code 
_struct_ref_seq.pdbx_db_accession 
_struct_ref_seq.db_align_beg 
_struct_ref_seq.pdbx_db_align_beg_ins_code 
_struct_ref_seq.db_align_end 
_struct_ref_seq.pdbx_db_align_end_ins_code 
_struct_ref_seq.pdbx_auth_seq_align_beg 
_struct_ref_seq.pdbx_auth_seq_align_end 
1 1 9MEP A 1 ? 11 ? 9MEP 1 ? 11 ? 1 11 
2 1 9MEP B 1 ? 11 ? 9MEP 1 ? 11 ? 1 11 
# 
loop_
_pdbx_struct_assembly.id 
_pdbx_struct_assembly.details 
_pdbx_struct_assembly.method_details 
_pdbx_struct_assembly.oligomeric_details 
_pdbx_struct_assembly.oligomeric_count 
1 author_and_software_defined_assembly PISA monomeric 1 
2 author_and_software_defined_assembly PISA monomeric 1 
# 
loop_
_pdbx_struct_assembly_gen.assembly_id 
_pdbx_struct_assembly_gen.oper_expression 
_pdbx_struct_assembly_gen.asym_id_list 
1 1 A,C,F   
2 1 B,D,E,G 
# 
_pdbx_struct_assembly_auth_evidence.id                     1 
_pdbx_struct_assembly_auth_evidence.assembly_id            1 
_pdbx_struct_assembly_auth_evidence.experimental_support   none 
_pdbx_struct_assembly_auth_evidence.details                ? 
# 
_pdbx_struct_oper_list.id                   1 
_pdbx_struct_oper_list.type                 'identity operation' 
_pdbx_struct_oper_list.name                 1_555 
_pdbx_struct_oper_list.symmetry_operation   x,y,z 
_pdbx_struct_oper_list.matrix[1][1]         1.0000000000 
_pdbx_struct_oper_list.matrix[1][2]         0.0000000000 
_pdbx_struct_oper_list.matrix[1][3]         0.0000000000 
_pdbx_struct_oper_list.vector[1]            0.0000000000 
_pdbx_struct_oper_list.matrix[2][1]         0.0000000000 
_pdbx_struct_oper_list.matrix[2][2]         1.0000000000 
_pdbx_struct_oper_list.matrix[2][3]         0.0000000000 
_pdbx_struct_oper_list.vector[2]            0.0000000000 
_pdbx_struct_oper_list.matrix[3][1]         0.0000000000 
_pdbx_struct_oper_list.matrix[3][2]         0.0000000000 
_pdbx_struct_oper_list.matrix[3][3]         1.0000000000 
_pdbx_struct_oper_list.vector[3]            0.0000000000 
# 
loop_
_struct_conf.conf_type_id 
_struct_conf.id 
_struct_conf.pdbx_PDB_helix_id 
_struct_conf.beg_label_comp_id 
_struct_conf.beg_label_asym_id 
_struct_conf.beg_label_seq_id 
_struct_conf.pdbx_beg_PDB_ins_code 
_struct_conf.end_label_comp_id 
_struct_conf.end_label_asym_id 
_struct_conf.end_label_seq_id 
_struct_conf.pdbx_end_PDB_ins_code 
_struct_conf.beg_auth_comp_id 
_struct_conf.beg_auth_asym_id 
_struct_conf.beg_auth_seq_id 
_struct_conf.end_auth_comp_id 
_struct_conf.end_auth_asym_id 
_struct_conf.end_auth_seq_id 
_struct_conf.pdbx_PDB_helix_class 
_struct_conf.details 
_struct_conf.pdbx_PDB_helix_length 
HELX_P HELX_P1 AA1 LEU A 2 ? LEU A 10 ? LEU A 2 LEU A 10 1 ? 9 
HELX_P HELX_P2 AA2 LEU B 2 ? LEU B 10 ? LEU B 2 LEU B 10 1 ? 9 
# 
_struct_conf_type.id          HELX_P 
_struct_conf_type.criteria    ? 
_struct_conf_type.reference   ? 
# 
loop_
_struct_conn.id 
_struct_conn.conn_type_id 
_struct_conn.pdbx_leaving_atom_flag 
_struct_conn.pdbx_PDB_id 
_struct_conn.ptnr1_label_asym_id 
_struct_conn.ptnr1_label_comp_id 
_struct_conn.ptnr1_label_seq_id 
_struct_conn.ptnr1_label_atom_id 
_struct_conn.pdbx_ptnr1_label_alt_id 
_struct_conn.pdbx_ptnr1_PDB_ins_code 
_struct_conn.pdbx_ptnr1_standard_comp_id 
_struct_conn.ptnr1_symmetry 
_struct_conn.ptnr2_label_asym_id 
_struct_conn.ptnr2_label_comp_id 
_struct_conn.ptnr2_label_seq_id 
_struct_conn.ptnr2_label_atom_id 
_struct_conn.pdbx_ptnr2_label_alt_id 
_struct_conn.pdbx_ptnr2_PDB_ins_code 
_struct_conn.ptnr1_auth_asym_id 
_struct_conn.ptnr1_auth_comp_id 
_struct_conn.ptnr1_auth_seq_id 
_struct_conn.ptnr2_auth_asym_id 
_struct_conn.ptnr2_auth_comp_id 
_struct_conn.ptnr2_auth_seq_id 
_struct_conn.ptnr2_symmetry 
_struct_conn.pdbx_ptnr3_label_atom_id 
_struct_conn.pdbx_ptnr3_label_seq_id 
_struct_conn.pdbx_ptnr3_label_comp_id 
_struct_conn.pdbx_ptnr3_label_asym_id 
_struct_conn.pdbx_ptnr3_label_alt_id 
_struct_conn.pdbx_ptnr3_PDB_ins_code 
_struct_conn.details 
_struct_conn.pdbx_dist_value 
_struct_conn.pdbx_value_order 
_struct_conn.pdbx_role 
covale1  covale both ? A ACE 1  C   A ? ? 1_555 A LEU 2  N   A ? A ACE 1   A LEU 2   1_555 ? ? ? ? ? ? ? 1.425 ? ? 
covale2  covale both ? A ACE 1  C   B ? ? 1_555 A LEU 2  N   B ? A ACE 1   A LEU 2   1_555 ? ? ? ? ? ? ? 1.429 ? ? 
covale3  covale both ? A LEU 2  C   A ? ? 1_555 A AIB 3  N   ? ? A LEU 2   A AIB 3   1_555 ? ? ? ? ? ? ? 1.337 ? ? 
covale4  covale both ? A LEU 2  C   B ? ? 1_555 A AIB 3  N   ? ? A LEU 2   A AIB 3   1_555 ? ? ? ? ? ? ? 1.335 ? ? 
covale5  covale both ? A AIB 3  C   ? ? ? 1_555 A GLU 4  N   ? ? A AIB 3   A GLU 4   1_555 ? ? ? ? ? ? ? 1.338 ? ? 
covale6  covale both ? A GLU 4  C   ? ? ? 1_555 A AIB 5  N   ? ? A GLU 4   A AIB 5   1_555 ? ? ? ? ? ? ? 1.331 ? ? 
covale7  covale both ? A AIB 5  C   ? ? ? 1_555 A LEU 6  N   ? ? A AIB 5   A LEU 6   1_555 ? ? ? ? ? ? ? 1.334 ? ? 
covale8  covale both ? A TRP 8  C   A ? ? 1_555 A AIB 9  N   ? ? A TRP 8   A AIB 9   1_555 ? ? ? ? ? ? ? 1.332 ? ? 
covale9  covale both ? A TRP 8  C   B ? ? 1_555 A AIB 9  N   ? ? A TRP 8   A AIB 9   1_555 ? ? ? ? ? ? ? 1.329 ? ? 
covale10 covale both ? A AIB 9  C   ? ? ? 1_555 A LEU 10 N   A ? A AIB 9   A LEU 10  1_555 ? ? ? ? ? ? ? 1.334 ? ? 
covale11 covale both ? A AIB 9  C   ? ? ? 1_555 A LEU 10 N   B ? A AIB 9   A LEU 10  1_555 ? ? ? ? ? ? ? 1.321 ? ? 
covale12 covale both ? A LEU 10 C   A ? ? 1_555 A NH2 11 N   A ? A LEU 10  A NH2 11  1_555 ? ? ? ? ? ? ? 1.578 ? ? 
covale13 covale both ? A LEU 10 C   B ? ? 1_555 A NH2 11 N   B ? A LEU 10  A NH2 11  1_555 ? ? ? ? ? ? ? 1.430 ? ? 
covale14 covale both ? B ACE 1  C   ? ? ? 1_555 B LEU 2  N   ? ? B ACE 1   B LEU 2   1_555 ? ? ? ? ? ? ? 1.410 ? ? 
covale15 covale both ? B LEU 2  C   ? ? ? 1_555 B AIB 3  N   ? ? B LEU 2   B AIB 3   1_555 ? ? ? ? ? ? ? 1.334 ? ? 
covale16 covale both ? B AIB 3  C   ? ? ? 1_555 B GLU 4  N   ? ? B AIB 3   B GLU 4   1_555 ? ? ? ? ? ? ? 1.335 ? ? 
covale17 covale both ? B GLU 4  C   ? ? ? 1_555 B AIB 5  N   ? ? B GLU 4   B AIB 5   1_555 ? ? ? ? ? ? ? 1.326 ? ? 
covale18 covale both ? B AIB 5  C   ? ? ? 1_555 B LEU 6  N   ? ? B AIB 5   B LEU 6   1_555 ? ? ? ? ? ? ? 1.333 ? ? 
covale19 covale both ? B TRP 8  C   A ? ? 1_555 B AIB 9  N   ? ? B TRP 8   B AIB 9   1_555 ? ? ? ? ? ? ? 1.333 ? ? 
covale20 covale both ? B TRP 8  C   B ? ? 1_555 B AIB 9  N   ? ? B TRP 8   B AIB 9   1_555 ? ? ? ? ? ? ? 1.328 ? ? 
covale21 covale both ? B TRP 8  C   C ? ? 1_555 B AIB 9  N   ? ? B TRP 8   B AIB 9   1_555 ? ? ? ? ? ? ? 1.331 ? ? 
covale22 covale both ? B AIB 9  C   ? ? ? 1_555 B LEU 10 N   A ? B AIB 9   B LEU 10  1_555 ? ? ? ? ? ? ? 1.333 ? ? 
covale23 covale both ? B AIB 9  C   ? ? ? 1_555 B LEU 10 N   B ? B AIB 9   B LEU 10  1_555 ? ? ? ? ? ? ? 1.332 ? ? 
covale24 covale both ? B LEU 10 C   A ? ? 1_555 B NH2 11 N   A ? B LEU 10  B NH2 11  1_555 ? ? ? ? ? ? ? 1.427 ? ? 
covale25 covale both ? B LEU 10 C   B ? ? 1_555 B NH2 11 N   B ? B LEU 10  B NH2 11  1_555 ? ? ? ? ? ? ? 1.429 ? ? 
metalc1  metalc ?    ? A GLU 4  OE1 ? ? ? 1_555 C CO  .  CO  ? ? A GLU 4   A CO  101 1_555 ? ? ? ? ? ? ? 2.081 ? ? 
metalc2  metalc ?    ? A HIS 7  ND1 ? ? ? 1_555 C CO  .  CO  ? ? A HIS 7   A CO  101 1_555 ? ? ? ? ? ? ? 2.189 ? ? 
metalc3  metalc ?    ? C CO  .  CO  ? ? ? 1_555 F HOH .  O   ? ? A CO  101 A HOH 201 1_555 ? ? ? ? ? ? ? 2.132 ? ? 
metalc4  metalc ?    ? C CO  .  CO  ? ? ? 1_555 F HOH .  O   ? ? A CO  101 A HOH 202 1_555 ? ? ? ? ? ? ? 2.139 ? ? 
metalc5  metalc ?    ? C CO  .  CO  ? ? ? 1_555 F HOH .  O   ? ? A CO  101 A HOH 204 1_555 ? ? ? ? ? ? ? 2.132 ? ? 
metalc6  metalc ?    ? C CO  .  CO  ? ? ? 1_454 B GLU 4  OE1 ? ? A CO  101 B GLU 4   1_555 ? ? ? ? ? ? ? 2.116 ? ? 
# 
loop_
_struct_conn_type.id 
_struct_conn_type.criteria 
_struct_conn_type.reference 
covale ? ? 
metalc ? ? 
# 
loop_
_pdbx_struct_conn_angle.id 
_pdbx_struct_conn_angle.ptnr1_label_atom_id 
_pdbx_struct_conn_angle.ptnr1_label_alt_id 
_pdbx_struct_conn_angle.ptnr1_label_asym_id 
_pdbx_struct_conn_angle.ptnr1_label_comp_id 
_pdbx_struct_conn_angle.ptnr1_label_seq_id 
_pdbx_struct_conn_angle.ptnr1_auth_atom_id 
_pdbx_struct_conn_angle.ptnr1_auth_asym_id 
_pdbx_struct_conn_angle.ptnr1_auth_comp_id 
_pdbx_struct_conn_angle.ptnr1_auth_seq_id 
_pdbx_struct_conn_angle.ptnr1_PDB_ins_code 
_pdbx_struct_conn_angle.ptnr1_symmetry 
_pdbx_struct_conn_angle.ptnr2_label_atom_id 
_pdbx_struct_conn_angle.ptnr2_label_alt_id 
_pdbx_struct_conn_angle.ptnr2_label_asym_id 
_pdbx_struct_conn_angle.ptnr2_label_comp_id 
_pdbx_struct_conn_angle.ptnr2_label_seq_id 
_pdbx_struct_conn_angle.ptnr2_auth_atom_id 
_pdbx_struct_conn_angle.ptnr2_auth_asym_id 
_pdbx_struct_conn_angle.ptnr2_auth_comp_id 
_pdbx_struct_conn_angle.ptnr2_auth_seq_id 
_pdbx_struct_conn_angle.ptnr2_PDB_ins_code 
_pdbx_struct_conn_angle.ptnr2_symmetry 
_pdbx_struct_conn_angle.ptnr3_label_atom_id 
_pdbx_struct_conn_angle.ptnr3_label_alt_id 
_pdbx_struct_conn_angle.ptnr3_label_asym_id 
_pdbx_struct_conn_angle.ptnr3_label_comp_id 
_pdbx_struct_conn_angle.ptnr3_label_seq_id 
_pdbx_struct_conn_angle.ptnr3_auth_atom_id 
_pdbx_struct_conn_angle.ptnr3_auth_asym_id 
_pdbx_struct_conn_angle.ptnr3_auth_comp_id 
_pdbx_struct_conn_angle.ptnr3_auth_seq_id 
_pdbx_struct_conn_angle.ptnr3_PDB_ins_code 
_pdbx_struct_conn_angle.ptnr3_symmetry 
_pdbx_struct_conn_angle.value 
_pdbx_struct_conn_angle.value_esd 
1  OE1 ? A GLU 4 ? A GLU 4   ? 1_555 CO ? C CO . ? A CO 101 ? 1_555 ND1 ? A HIS 7 ? A HIS 7   ? 1_555 98.7  ? 
2  OE1 ? A GLU 4 ? A GLU 4   ? 1_555 CO ? C CO . ? A CO 101 ? 1_555 O   ? F HOH . ? A HOH 201 ? 1_555 90.1  ? 
3  ND1 ? A HIS 7 ? A HIS 7   ? 1_555 CO ? C CO . ? A CO 101 ? 1_555 O   ? F HOH . ? A HOH 201 ? 1_555 93.8  ? 
4  OE1 ? A GLU 4 ? A GLU 4   ? 1_555 CO ? C CO . ? A CO 101 ? 1_555 O   ? F HOH . ? A HOH 202 ? 1_555 86.1  ? 
5  ND1 ? A HIS 7 ? A HIS 7   ? 1_555 CO ? C CO . ? A CO 101 ? 1_555 O   ? F HOH . ? A HOH 202 ? 1_555 174.9 ? 
6  O   ? F HOH . ? A HOH 201 ? 1_555 CO ? C CO . ? A CO 101 ? 1_555 O   ? F HOH . ? A HOH 202 ? 1_555 88.2  ? 
7  OE1 ? A GLU 4 ? A GLU 4   ? 1_555 CO ? C CO . ? A CO 101 ? 1_555 O   ? F HOH . ? A HOH 204 ? 1_555 90.5  ? 
8  ND1 ? A HIS 7 ? A HIS 7   ? 1_555 CO ? C CO . ? A CO 101 ? 1_555 O   ? F HOH . ? A HOH 204 ? 1_555 92.5  ? 
9  O   ? F HOH . ? A HOH 201 ? 1_555 CO ? C CO . ? A CO 101 ? 1_555 O   ? F HOH . ? A HOH 204 ? 1_555 173.5 ? 
10 O   ? F HOH . ? A HOH 202 ? 1_555 CO ? C CO . ? A CO 101 ? 1_555 O   ? F HOH . ? A HOH 204 ? 1_555 85.5  ? 
11 OE1 ? A GLU 4 ? A GLU 4   ? 1_555 CO ? C CO . ? A CO 101 ? 1_555 OE1 ? B GLU 4 ? B GLU 4   ? 1_555 45.9  ? 
12 ND1 ? A HIS 7 ? A HIS 7   ? 1_555 CO ? C CO . ? A CO 101 ? 1_555 OE1 ? B GLU 4 ? B GLU 4   ? 1_555 78.9  ? 
13 O   ? F HOH . ? A HOH 201 ? 1_555 CO ? C CO . ? A CO 101 ? 1_555 OE1 ? B GLU 4 ? B GLU 4   ? 1_555 132.2 ? 
14 O   ? F HOH . ? A HOH 202 ? 1_555 CO ? C CO . ? A CO 101 ? 1_555 OE1 ? B GLU 4 ? B GLU 4   ? 1_555 103.3 ? 
15 O   ? F HOH . ? A HOH 204 ? 1_555 CO ? C CO . ? A CO 101 ? 1_555 OE1 ? B GLU 4 ? B GLU 4   ? 1_555 50.9  ? 
# 
loop_
_pdbx_modification_feature.ordinal 
_pdbx_modification_feature.label_comp_id 
_pdbx_modification_feature.label_asym_id 
_pdbx_modification_feature.label_seq_id 
_pdbx_modification_feature.label_alt_id 
_pdbx_modification_feature.modified_residue_label_comp_id 
_pdbx_modification_feature.modified_residue_label_asym_id 
_pdbx_modification_feature.modified_residue_label_seq_id 
_pdbx_modification_feature.modified_residue_label_alt_id 
_pdbx_modification_feature.auth_comp_id 
_pdbx_modification_feature.auth_asym_id 
_pdbx_modification_feature.auth_seq_id 
_pdbx_modification_feature.PDB_ins_code 
_pdbx_modification_feature.symmetry 
_pdbx_modification_feature.modified_residue_auth_comp_id 
_pdbx_modification_feature.modified_residue_auth_asym_id 
_pdbx_modification_feature.modified_residue_auth_seq_id 
_pdbx_modification_feature.modified_residue_PDB_ins_code 
_pdbx_modification_feature.modified_residue_symmetry 
_pdbx_modification_feature.comp_id_linking_atom 
_pdbx_modification_feature.modified_residue_id_linking_atom 
_pdbx_modification_feature.modified_residue_id 
_pdbx_modification_feature.ref_pcm_id 
_pdbx_modification_feature.ref_comp_id 
_pdbx_modification_feature.type 
_pdbx_modification_feature.category 
1  AIB A 3  ? .   . .  . AIB A 3  ? 1_555 .   . .  . .     . . ALA 1  AIB Methylation 'Named protein modification' 
2  AIB A 5  ? .   . .  . AIB A 5  ? 1_555 .   . .  . .     . . ALA 1  AIB Methylation 'Named protein modification' 
3  AIB A 9  ? .   . .  . AIB A 9  ? 1_555 .   . .  . .     . . ALA 1  AIB Methylation 'Named protein modification' 
4  AIB B 3  ? .   . .  . AIB B 3  ? 1_555 .   . .  . .     . . ALA 1  AIB Methylation 'Named protein modification' 
5  AIB B 5  ? .   . .  . AIB B 5  ? 1_555 .   . .  . .     . . ALA 1  AIB Methylation 'Named protein modification' 
6  AIB B 9  ? .   . .  . AIB B 9  ? 1_555 .   . .  . .     . . ALA 1  AIB Methylation 'Named protein modification' 
7  ACE A 1  A LEU A 2  A ACE A 1  ? 1_555 LEU A 2  ? 1_555 . . LEU 14 ACE None        'Terminal acetylation'       
8  ACE A 1  B LEU A 2  B ACE A 1  ? 1_555 LEU A 2  ? 1_555 . . LEU 14 ACE None        'Terminal acetylation'       
9  ACE B 1  ? LEU B 2  ? ACE B 1  ? 1_555 LEU B 2  ? 1_555 . . LEU 14 ACE None        'Terminal acetylation'       
10 NH2 A 11 A LEU A 10 A NH2 A 11 ? 1_555 LEU A 10 ? 1_555 . . LEU 14 NH2 None        'Terminal amidation'         
11 NH2 A 11 B LEU A 10 B NH2 A 11 ? 1_555 LEU A 10 ? 1_555 . . LEU 14 NH2 None        'Terminal amidation'         
12 NH2 B 11 A LEU B 10 A NH2 B 11 ? 1_555 LEU B 10 ? 1_555 . . LEU 14 NH2 None        'Terminal amidation'         
13 NH2 B 11 B LEU B 10 B NH2 B 11 ? 1_555 LEU B 10 ? 1_555 . . LEU 14 NH2 None        'Terminal amidation'         
# 
_pdbx_entry_details.entry_id                   9MEP 
_pdbx_entry_details.nonpolymer_details         ? 
_pdbx_entry_details.sequence_details           ? 
_pdbx_entry_details.compound_details           ? 
_pdbx_entry_details.source_details             ? 
_pdbx_entry_details.has_ligand_of_interest     N 
_pdbx_entry_details.has_protein_modification   Y 
# 
loop_
_pdbx_validate_close_contact.id 
_pdbx_validate_close_contact.PDB_model_num 
_pdbx_validate_close_contact.auth_atom_id_1 
_pdbx_validate_close_contact.auth_asym_id_1 
_pdbx_validate_close_contact.auth_comp_id_1 
_pdbx_validate_close_contact.auth_seq_id_1 
_pdbx_validate_close_contact.PDB_ins_code_1 
_pdbx_validate_close_contact.label_alt_id_1 
_pdbx_validate_close_contact.auth_atom_id_2 
_pdbx_validate_close_contact.auth_asym_id_2 
_pdbx_validate_close_contact.auth_comp_id_2 
_pdbx_validate_close_contact.auth_seq_id_2 
_pdbx_validate_close_contact.PDB_ins_code_2 
_pdbx_validate_close_contact.label_alt_id_2 
_pdbx_validate_close_contact.dist 
1 1 O A HOH 202 ? ? O A HOH 205 ? ? 1.93 
2 1 O B MOH 102 ? A O B HOH 201 ? ? 2.18 
# 
_pdbx_validate_rmsd_bond.id                        1 
_pdbx_validate_rmsd_bond.PDB_model_num             1 
_pdbx_validate_rmsd_bond.auth_atom_id_1            C 
_pdbx_validate_rmsd_bond.auth_asym_id_1            A 
_pdbx_validate_rmsd_bond.auth_comp_id_1            LEU 
_pdbx_validate_rmsd_bond.auth_seq_id_1             10 
_pdbx_validate_rmsd_bond.PDB_ins_code_1            ? 
_pdbx_validate_rmsd_bond.label_alt_id_1            A 
_pdbx_validate_rmsd_bond.auth_atom_id_2            N 
_pdbx_validate_rmsd_bond.auth_asym_id_2            A 
_pdbx_validate_rmsd_bond.auth_comp_id_2            NH2 
_pdbx_validate_rmsd_bond.auth_seq_id_2             11 
_pdbx_validate_rmsd_bond.PDB_ins_code_2            ? 
_pdbx_validate_rmsd_bond.label_alt_id_2            A 
_pdbx_validate_rmsd_bond.bond_value                1.578 
_pdbx_validate_rmsd_bond.bond_target_value         1.336 
_pdbx_validate_rmsd_bond.bond_deviation            0.242 
_pdbx_validate_rmsd_bond.bond_standard_deviation   0.023 
_pdbx_validate_rmsd_bond.linker_flag               Y 
# 
_pdbx_validate_rmsd_angle.id                         1 
_pdbx_validate_rmsd_angle.PDB_model_num              1 
_pdbx_validate_rmsd_angle.auth_atom_id_1             O 
_pdbx_validate_rmsd_angle.auth_asym_id_1             B 
_pdbx_validate_rmsd_angle.auth_comp_id_1             LEU 
_pdbx_validate_rmsd_angle.auth_seq_id_1              10 
_pdbx_validate_rmsd_angle.PDB_ins_code_1             ? 
_pdbx_validate_rmsd_angle.label_alt_id_1             B 
_pdbx_validate_rmsd_angle.auth_atom_id_2             C 
_pdbx_validate_rmsd_angle.auth_asym_id_2             B 
_pdbx_validate_rmsd_angle.auth_comp_id_2             LEU 
_pdbx_validate_rmsd_angle.auth_seq_id_2              10 
_pdbx_validate_rmsd_angle.PDB_ins_code_2             ? 
_pdbx_validate_rmsd_angle.label_alt_id_2             B 
_pdbx_validate_rmsd_angle.auth_atom_id_3             N 
_pdbx_validate_rmsd_angle.auth_asym_id_3             B 
_pdbx_validate_rmsd_angle.auth_comp_id_3             NH2 
_pdbx_validate_rmsd_angle.auth_seq_id_3              11 
_pdbx_validate_rmsd_angle.PDB_ins_code_3             ? 
_pdbx_validate_rmsd_angle.label_alt_id_3             B 
_pdbx_validate_rmsd_angle.angle_value                110.88 
_pdbx_validate_rmsd_angle.angle_target_value         122.70 
_pdbx_validate_rmsd_angle.angle_deviation            -11.82 
_pdbx_validate_rmsd_angle.angle_standard_deviation   1.60 
_pdbx_validate_rmsd_angle.linker_flag                Y 
# 
_space_group_symop.id              1 
_space_group_symop.operation_xyz   x,y,z 
# 
loop_
_chem_comp_atom.comp_id 
_chem_comp_atom.atom_id 
_chem_comp_atom.type_symbol 
_chem_comp_atom.pdbx_aromatic_flag 
_chem_comp_atom.pdbx_stereo_config 
_chem_comp_atom.pdbx_ordinal 
ACE C    C  N N 1   
ACE O    O  N N 2   
ACE CH3  C  N N 3   
ACE H    H  N N 4   
ACE H1   H  N N 5   
ACE H2   H  N N 6   
ACE H3   H  N N 7   
AIB N    N  N N 8   
AIB CA   C  N N 9   
AIB C    C  N N 10  
AIB O    O  N N 11  
AIB OXT  O  N N 12  
AIB CB1  C  N N 13  
AIB CB2  C  N N 14  
AIB H    H  N N 15  
AIB H2   H  N N 16  
AIB HXT  H  N N 17  
AIB HB11 H  N N 18  
AIB HB12 H  N N 19  
AIB HB13 H  N N 20  
AIB HB21 H  N N 21  
AIB HB22 H  N N 22  
AIB HB23 H  N N 23  
CO  CO   CO N N 24  
GLU N    N  N N 25  
GLU CA   C  N S 26  
GLU C    C  N N 27  
GLU O    O  N N 28  
GLU CB   C  N N 29  
GLU CG   C  N N 30  
GLU CD   C  N N 31  
GLU OE1  O  N N 32  
GLU OE2  O  N N 33  
GLU OXT  O  N N 34  
GLU H    H  N N 35  
GLU H2   H  N N 36  
GLU HA   H  N N 37  
GLU HB2  H  N N 38  
GLU HB3  H  N N 39  
GLU HG2  H  N N 40  
GLU HG3  H  N N 41  
GLU HE2  H  N N 42  
GLU HXT  H  N N 43  
HIS N    N  N N 44  
HIS CA   C  N S 45  
HIS C    C  N N 46  
HIS O    O  N N 47  
HIS CB   C  N N 48  
HIS CG   C  Y N 49  
HIS ND1  N  Y N 50  
HIS CD2  C  Y N 51  
HIS CE1  C  Y N 52  
HIS NE2  N  Y N 53  
HIS OXT  O  N N 54  
HIS H    H  N N 55  
HIS H2   H  N N 56  
HIS HA   H  N N 57  
HIS HB2  H  N N 58  
HIS HB3  H  N N 59  
HIS HD1  H  N N 60  
HIS HD2  H  N N 61  
HIS HE1  H  N N 62  
HIS HE2  H  N N 63  
HIS HXT  H  N N 64  
HOH O    O  N N 65  
HOH H1   H  N N 66  
HOH H2   H  N N 67  
LEU N    N  N N 68  
LEU CA   C  N S 69  
LEU C    C  N N 70  
LEU O    O  N N 71  
LEU CB   C  N N 72  
LEU CG   C  N N 73  
LEU CD1  C  N N 74  
LEU CD2  C  N N 75  
LEU OXT  O  N N 76  
LEU H    H  N N 77  
LEU H2   H  N N 78  
LEU HA   H  N N 79  
LEU HB2  H  N N 80  
LEU HB3  H  N N 81  
LEU HG   H  N N 82  
LEU HD11 H  N N 83  
LEU HD12 H  N N 84  
LEU HD13 H  N N 85  
LEU HD21 H  N N 86  
LEU HD22 H  N N 87  
LEU HD23 H  N N 88  
LEU HXT  H  N N 89  
MOH C    C  N N 90  
MOH O    O  N N 91  
MOH H1   H  N N 92  
MOH H2   H  N N 93  
MOH H3   H  N N 94  
MOH HO   H  N N 95  
NH2 N    N  N N 96  
NH2 HN1  H  N N 97  
NH2 HN2  H  N N 98  
TRP N    N  N N 99  
TRP CA   C  N S 100 
TRP C    C  N N 101 
TRP O    O  N N 102 
TRP CB   C  N N 103 
TRP CG   C  Y N 104 
TRP CD1  C  Y N 105 
TRP CD2  C  Y N 106 
TRP NE1  N  Y N 107 
TRP CE2  C  Y N 108 
TRP CE3  C  Y N 109 
TRP CZ2  C  Y N 110 
TRP CZ3  C  Y N 111 
TRP CH2  C  Y N 112 
TRP OXT  O  N N 113 
TRP H    H  N N 114 
TRP H2   H  N N 115 
TRP HA   H  N N 116 
TRP HB2  H  N N 117 
TRP HB3  H  N N 118 
TRP HD1  H  N N 119 
TRP HE1  H  N N 120 
TRP HE3  H  N N 121 
TRP HZ2  H  N N 122 
TRP HZ3  H  N N 123 
TRP HH2  H  N N 124 
TRP HXT  H  N N 125 
# 
loop_
_chem_comp_bond.comp_id 
_chem_comp_bond.atom_id_1 
_chem_comp_bond.atom_id_2 
_chem_comp_bond.value_order 
_chem_comp_bond.pdbx_aromatic_flag 
_chem_comp_bond.pdbx_stereo_config 
_chem_comp_bond.pdbx_ordinal 
ACE C   O    doub N N 1   
ACE C   CH3  sing N N 2   
ACE C   H    sing N N 3   
ACE CH3 H1   sing N N 4   
ACE CH3 H2   sing N N 5   
ACE CH3 H3   sing N N 6   
AIB N   CA   sing N N 7   
AIB N   H    sing N N 8   
AIB N   H2   sing N N 9   
AIB CA  C    sing N N 10  
AIB CA  CB1  sing N N 11  
AIB CA  CB2  sing N N 12  
AIB C   O    doub N N 13  
AIB C   OXT  sing N N 14  
AIB OXT HXT  sing N N 15  
AIB CB1 HB11 sing N N 16  
AIB CB1 HB12 sing N N 17  
AIB CB1 HB13 sing N N 18  
AIB CB2 HB21 sing N N 19  
AIB CB2 HB22 sing N N 20  
AIB CB2 HB23 sing N N 21  
GLU N   CA   sing N N 22  
GLU N   H    sing N N 23  
GLU N   H2   sing N N 24  
GLU CA  C    sing N N 25  
GLU CA  CB   sing N N 26  
GLU CA  HA   sing N N 27  
GLU C   O    doub N N 28  
GLU C   OXT  sing N N 29  
GLU CB  CG   sing N N 30  
GLU CB  HB2  sing N N 31  
GLU CB  HB3  sing N N 32  
GLU CG  CD   sing N N 33  
GLU CG  HG2  sing N N 34  
GLU CG  HG3  sing N N 35  
GLU CD  OE1  doub N N 36  
GLU CD  OE2  sing N N 37  
GLU OE2 HE2  sing N N 38  
GLU OXT HXT  sing N N 39  
HIS N   CA   sing N N 40  
HIS N   H    sing N N 41  
HIS N   H2   sing N N 42  
HIS CA  C    sing N N 43  
HIS CA  CB   sing N N 44  
HIS CA  HA   sing N N 45  
HIS C   O    doub N N 46  
HIS C   OXT  sing N N 47  
HIS CB  CG   sing N N 48  
HIS CB  HB2  sing N N 49  
HIS CB  HB3  sing N N 50  
HIS CG  ND1  sing Y N 51  
HIS CG  CD2  doub Y N 52  
HIS ND1 CE1  doub Y N 53  
HIS ND1 HD1  sing N N 54  
HIS CD2 NE2  sing Y N 55  
HIS CD2 HD2  sing N N 56  
HIS CE1 NE2  sing Y N 57  
HIS CE1 HE1  sing N N 58  
HIS NE2 HE2  sing N N 59  
HIS OXT HXT  sing N N 60  
HOH O   H1   sing N N 61  
HOH O   H2   sing N N 62  
LEU N   CA   sing N N 63  
LEU N   H    sing N N 64  
LEU N   H2   sing N N 65  
LEU CA  C    sing N N 66  
LEU CA  CB   sing N N 67  
LEU CA  HA   sing N N 68  
LEU C   O    doub N N 69  
LEU C   OXT  sing N N 70  
LEU CB  CG   sing N N 71  
LEU CB  HB2  sing N N 72  
LEU CB  HB3  sing N N 73  
LEU CG  CD1  sing N N 74  
LEU CG  CD2  sing N N 75  
LEU CG  HG   sing N N 76  
LEU CD1 HD11 sing N N 77  
LEU CD1 HD12 sing N N 78  
LEU CD1 HD13 sing N N 79  
LEU CD2 HD21 sing N N 80  
LEU CD2 HD22 sing N N 81  
LEU CD2 HD23 sing N N 82  
LEU OXT HXT  sing N N 83  
MOH C   O    sing N N 84  
MOH C   H1   sing N N 85  
MOH C   H2   sing N N 86  
MOH C   H3   sing N N 87  
MOH O   HO   sing N N 88  
NH2 N   HN1  sing N N 89  
NH2 N   HN2  sing N N 90  
TRP N   CA   sing N N 91  
TRP N   H    sing N N 92  
TRP N   H2   sing N N 93  
TRP CA  C    sing N N 94  
TRP CA  CB   sing N N 95  
TRP CA  HA   sing N N 96  
TRP C   O    doub N N 97  
TRP C   OXT  sing N N 98  
TRP CB  CG   sing N N 99  
TRP CB  HB2  sing N N 100 
TRP CB  HB3  sing N N 101 
TRP CG  CD1  doub Y N 102 
TRP CG  CD2  sing Y N 103 
TRP CD1 NE1  sing Y N 104 
TRP CD1 HD1  sing N N 105 
TRP CD2 CE2  doub Y N 106 
TRP CD2 CE3  sing Y N 107 
TRP NE1 CE2  sing Y N 108 
TRP NE1 HE1  sing N N 109 
TRP CE2 CZ2  sing Y N 110 
TRP CE3 CZ3  doub Y N 111 
TRP CE3 HE3  sing N N 112 
TRP CZ2 CH2  doub Y N 113 
TRP CZ2 HZ2  sing N N 114 
TRP CZ3 CH2  sing Y N 115 
TRP CZ3 HZ3  sing N N 116 
TRP CH2 HH2  sing N N 117 
TRP OXT HXT  sing N N 118 
# 
loop_
_pdbx_audit_support.funding_organization 
_pdbx_audit_support.country 
_pdbx_audit_support.grant_number 
_pdbx_audit_support.ordinal 
'National Institutes of Health/National Institute of General Medical Sciences (NIH/NIGMS)' 'United States' 1R35GM15479301    1 
'Department of Energy (DOE, United States)'                                                'United States' DE-AC02-06CH11357 2 
# 
_pdbx_initial_refinement_model.id               1 
_pdbx_initial_refinement_model.entity_id_list   ? 
_pdbx_initial_refinement_model.type             'experimental model' 
_pdbx_initial_refinement_model.source_name      PDB 
_pdbx_initial_refinement_model.accession_code   7TLS 
_pdbx_initial_refinement_model.details          ? 
# 
_space_group.name_H-M_alt     'P 1' 
_space_group.name_Hall        'P 1' 
_space_group.IT_number        1 
_space_group.crystal_system   triclinic 
_space_group.id               1 
# 
_atom_sites.entry_id                    9MEP 
_atom_sites.Cartn_transf_matrix[1][1]   ? 
_atom_sites.Cartn_transf_matrix[1][2]   ? 
_atom_sites.Cartn_transf_matrix[1][3]   ? 
_atom_sites.Cartn_transf_matrix[2][1]   ? 
_atom_sites.Cartn_transf_matrix[2][2]   ? 
_atom_sites.Cartn_transf_matrix[2][3]   ? 
_atom_sites.Cartn_transf_matrix[3][1]   ? 
_atom_sites.Cartn_transf_matrix[3][2]   ? 
_atom_sites.Cartn_transf_matrix[3][3]   ? 
_atom_sites.Cartn_transf_vector[1]      ? 
_atom_sites.Cartn_transf_vector[2]      ? 
_atom_sites.Cartn_transf_vector[3]      ? 
_atom_sites.Cartn_transform_axes        ? 
_atom_sites.fract_transf_matrix[1][1]   0.01988499 
_atom_sites.fract_transf_matrix[1][2]   -0.06241055 
_atom_sites.fract_transf_matrix[1][3]   -0.08270942 
_atom_sites.fract_transf_matrix[2][1]   0.00384340 
_atom_sites.fract_transf_matrix[2][2]   -0.03617122 
_atom_sites.fract_transf_matrix[2][3]   0.05304143 
_atom_sites.fract_transf_matrix[3][1]   -0.04595023 
_atom_sites.fract_transf_matrix[3][2]   -0.00826738 
_atom_sites.fract_transf_matrix[3][3]   -0.00161605 
_atom_sites.fract_transf_vector[1]      -0.197603 
_atom_sites.fract_transf_vector[2]      0.247968 
_atom_sites.fract_transf_vector[3]      -0.227064 
_atom_sites.solution_primary            ? 
_atom_sites.solution_secondary          ? 
_atom_sites.solution_hydrogens          ? 
_atom_sites.special_details             ? 
# 
loop_
_atom_type.symbol 
_atom_type.scat_dispersion_real 
_atom_type.scat_dispersion_imag 
_atom_type.scat_Cromer_Mann_a1 
_atom_type.scat_Cromer_Mann_a2 
_atom_type.scat_Cromer_Mann_a3 
_atom_type.scat_Cromer_Mann_a4 
_atom_type.scat_Cromer_Mann_b1 
_atom_type.scat_Cromer_Mann_b2 
_atom_type.scat_Cromer_Mann_b3 
_atom_type.scat_Cromer_Mann_b4 
_atom_type.scat_Cromer_Mann_c 
_atom_type.scat_source 
_atom_type.scat_dispersion_source 
C  ? ? 2.51340  1.74867 1.72398 ? 31.80534 0.44561  10.58317 ? 0.0 
;3-Gaussian fit: Grosse-Kunstleve RW, Sauter NK, Adams PD: Newsletter of the IUCr Commission on Crystallographic Computing 2004, 3, 22-31.
;
? 
CO ? ? 14.25116 9.13684 3.55259 ? 5.36759  0.30544  48.44770 ? 0.0 
;3-Gaussian fit: Grosse-Kunstleve RW, Sauter NK, Adams PD: Newsletter of the IUCr Commission on Crystallographic Computing 2004, 3, 22-31.
;
? 
H  ? ? 0.53795  0.34799 0.11320 ? 10.08003 29.74760 2.57510  ? 0.0 
;3-Gaussian fit: Grosse-Kunstleve RW, Sauter NK, Adams PD: Newsletter of the IUCr Commission on Crystallographic Computing 2004, 3, 22-31.
;
? 
N  ? ? 2.99955  2.25584 1.72788 ? 23.27268 7.45433  0.31622  ? 0.0 
;3-Gaussian fit: Grosse-Kunstleve RW, Sauter NK, Adams PD: Newsletter of the IUCr Commission on Crystallographic Computing 2004, 3, 22-31.
;
? 
O  ? ? 4.49882  3.47563 ?       ? 15.80542 1.70748  ?        ? 0.0 
;2-Gaussian fit: Grosse-Kunstleve RW, Sauter NK, Adams PD: Newsletter of the IUCr Commission on Crystallographic Computing 2004, 3, 22-31.
;
? 
# 
loop_
_atom_site.group_PDB 
_atom_site.id 
_atom_site.type_symbol 
_atom_site.label_atom_id 
_atom_site.label_alt_id 
_atom_site.label_comp_id 
_atom_site.label_asym_id 
_atom_site.label_entity_id 
_atom_site.label_seq_id 
_atom_site.pdbx_PDB_ins_code 
_atom_site.Cartn_x 
_atom_site.Cartn_y 
_atom_site.Cartn_z 
_atom_site.occupancy 
_atom_site.B_iso_or_equiv 
_atom_site.pdbx_formal_charge 
_atom_site.auth_seq_id 
_atom_site.auth_comp_id 
_atom_site.auth_asym_id 
_atom_site.auth_atom_id 
_atom_site.pdbx_PDB_model_num 
HETATM 1   C  C    A ACE A 1 1  ? -5.44160  0.18411   2.99407   0.831 5.96953  ? 1   ACE A C    1 
HETATM 2   C  C    B ACE A 1 1  ? -5.72267  0.20628   2.93608   0.169 6.87870  ? 1   ACE A C    1 
HETATM 3   O  O    A ACE A 1 1  ? -5.79615  0.74615   1.90049   0.831 6.61561  ? 1   ACE A O    1 
HETATM 4   O  O    B ACE A 1 1  ? -6.24989  0.09954   1.77081   0.169 7.38523  ? 1   ACE A O    1 
HETATM 5   C  CH3  A ACE A 1 1  ? -6.50383  0.07631   4.09969   0.831 6.41997  ? 1   ACE A CH3  1 
HETATM 6   C  CH3  B ACE A 1 1  ? -6.71160  -0.01028  4.08254   0.169 7.55997  ? 1   ACE A CH3  1 
HETATM 7   H  H1   A ACE A 1 1  ? -7.08053  -0.68786  3.94357   0.831 7.69778  ? 1   ACE A H1   1 
HETATM 8   H  H1   B ACE A 1 1  ? -7.05245  -0.91834  4.07041   0.169 9.06578  ? 1   ACE A H1   1 
HETATM 9   H  H2   A ACE A 1 1  ? -7.05333  0.87534   4.12212   0.831 7.69778  ? 1   ACE A H2   1 
HETATM 10  H  H2   B ACE A 1 1  ? -7.46178  0.59963   4.00404   0.169 9.06578  ? 1   ACE A H2   1 
HETATM 11  H  H3   A ACE A 1 1  ? -6.08227  -0.03006  4.96679   0.831 7.69778  ? 1   ACE A H3   1 
HETATM 12  H  H3   B ACE A 1 1  ? -6.27985  0.14353   4.93743   0.169 9.06578  ? 1   ACE A H3   1 
ATOM   13  N  N    A LEU A 1 2  ? -4.14580  -0.33663  3.27691   0.540 6.23918  ? 2   LEU A N    1 
ATOM   14  N  N    B LEU A 1 2  ? -4.37007  -0.19359  3.16474   0.460 5.94748  ? 2   LEU A N    1 
ATOM   15  C  CA   A LEU A 1 2  ? -3.11002  0.00769   2.30698   0.540 6.00331  ? 2   LEU A CA   1 
ATOM   16  C  CA   B LEU A 1 2  ? -3.26575  0.08021   2.24713   0.460 5.91213  ? 2   LEU A CA   1 
ATOM   17  C  C    A LEU A 1 2  ? -3.25516  -0.80667  1.02008   0.540 5.96720  ? 2   LEU A C    1 
ATOM   18  C  C    B LEU A 1 2  ? -3.33466  -0.78803  0.99200   0.460 5.72504  ? 2   LEU A C    1 
ATOM   19  O  O    A LEU A 1 2  ? -3.01636  -0.28232  -0.07417  0.540 6.25934  ? 2   LEU A O    1 
ATOM   20  O  O    B LEU A 1 2  ? -3.11305  -0.28430  -0.11553  0.460 5.43582  ? 2   LEU A O    1 
ATOM   21  C  CB   A LEU A 1 2  ? -1.74765  -0.19860  2.96331   0.540 6.24810  ? 2   LEU A CB   1 
ATOM   22  C  CB   B LEU A 1 2  ? -1.92808  -0.09552  2.97090   0.460 6.25223  ? 2   LEU A CB   1 
ATOM   23  C  CG   A LEU A 1 2  ? -1.47830  0.77389   4.11371   0.540 6.85161  ? 2   LEU A CG   1 
ATOM   24  C  CG   B LEU A 1 2  ? -1.59284  1.00079   3.98819   0.460 7.15991  ? 2   LEU A CG   1 
ATOM   25  C  CD1  A LEU A 1 2  ? -0.46686  0.19520   5.07150   0.540 6.79866  ? 2   LEU A CD1  1 
ATOM   26  C  CD1  B LEU A 1 2  ? -0.23465  0.76001   4.60464   0.460 8.04970  ? 2   LEU A CD1  1 
ATOM   27  C  CD2  A LEU A 1 2  ? -0.98626  2.10981   3.59030   0.540 7.65525  ? 2   LEU A CD2  1 
ATOM   28  C  CD2  B LEU A 1 2  ? -1.66018  2.38477   3.37676   0.460 7.42711  ? 2   LEU A CD2  1 
ATOM   29  H  H    A LEU A 1 2  ? -3.88336  -0.33857  4.09463   0.831 7.48084  ? 2   LEU A H    1 
ATOM   30  H  H    B LEU A 1 2  ? -4.12217  -0.38864  3.96472   0.169 7.13081  ? 2   LEU A H    1 
ATOM   31  H  HA   A LEU A 1 2  ? -3.18361  0.93715   2.03940   0.540 7.19780  ? 2   LEU A HA   1 
ATOM   32  H  HA   B LEU A 1 2  ? -3.32458  1.00030   1.94568   0.460 7.08838  ? 2   LEU A HA   1 
ATOM   33  H  HB2  A LEU A 1 2  ? -1.70412  -1.10047  3.31779   0.540 7.49155  ? 2   LEU A HB2  1 
ATOM   34  H  HB2  B LEU A 1 2  ? -1.94656  -0.93994  3.44790   0.460 7.49650  ? 2   LEU A HB2  1 
ATOM   35  H  HB3  A LEU A 1 2  ? -1.05576  -0.07084  2.29558   0.540 7.49155  ? 2   LEU A HB3  1 
ATOM   36  H  HB3  B LEU A 1 2  ? -1.22002  -0.10437  2.30800   0.460 7.49650  ? 2   LEU A HB3  1 
ATOM   37  H  HG   A LEU A 1 2  ? -2.30959  0.92129   4.59136   0.540 8.21576  ? 2   LEU A HG   1 
ATOM   38  H  HG   B LEU A 1 2  ? -2.26089  0.96718   4.69066   0.460 8.58572  ? 2   LEU A HG   1 
ATOM   39  H  HD11 A LEU A 1 2  ? -0.30984  0.83091   5.78712   0.540 8.15222  ? 2   LEU A HD11 1 
ATOM   40  H  HD11 B LEU A 1 2  ? -0.03971  1.47637   5.22893   0.460 9.65346  ? 2   LEU A HD11 1 
ATOM   41  H  HD12 A LEU A 1 2  ? -0.81509  -0.63361  5.43580   0.540 8.15222  ? 2   LEU A HD12 1 
ATOM   42  H  HD12 B LEU A 1 2  ? -0.24557  -0.09079  5.07038   0.460 9.65346  ? 2   LEU A HD12 1 
ATOM   43  H  HD13 A LEU A 1 2  ? 0.35961   0.02481   4.59314   0.540 8.15222  ? 2   LEU A HD13 1 
ATOM   44  H  HD13 B LEU A 1 2  ? 0.43300   0.74348   3.90118   0.460 9.65346  ? 2   LEU A HD13 1 
ATOM   45  H  HD21 A LEU A 1 2  ? -0.75320  2.67701   4.34188   0.540 9.18012  ? 2   LEU A HD21 1 
ATOM   46  H  HD21 B LEU A 1 2  ? -1.24239  3.01782   3.98140   0.460 8.90635  ? 2   LEU A HD21 1 
ATOM   47  H  HD22 A LEU A 1 2  ? -0.20636  1.96263   3.03263   0.540 9.18012  ? 2   LEU A HD22 1 
ATOM   48  H  HD22 B LEU A 1 2  ? -1.19030  2.37833   2.52819   0.460 8.90635  ? 2   LEU A HD22 1 
ATOM   49  H  HD23 A LEU A 1 2  ? -1.69188  2.52422   3.06946   0.540 9.18012  ? 2   LEU A HD23 1 
ATOM   50  H  HD23 B LEU A 1 2  ? -2.58998  2.62390   3.23820   0.460 8.90635  ? 2   LEU A HD23 1 
HETATM 51  N  N    . AIB A 1 3  ? -3.66482  -2.07303  1.14228   1.000 6.12410  ? 3   AIB A N    1 
HETATM 52  C  CA   . AIB A 1 3  ? -3.86214  -2.95618  -0.00418  1.000 6.50650  ? 3   AIB A CA   1 
HETATM 53  C  C    . AIB A 1 3  ? -4.89234  -2.29458  -0.97067  1.000 6.27185  ? 3   AIB A C    1 
HETATM 54  O  O    . AIB A 1 3  ? -4.75040  -2.26817  -2.19608  1.000 6.71819  ? 3   AIB A O    1 
HETATM 55  C  CB1  . AIB A 1 3  ? -2.54698  -3.24555  -0.75903  1.000 7.28433  ? 3   AIB A CB1  1 
HETATM 56  C  CB2  . AIB A 1 3  ? -4.44587  -4.30759  0.46084   1.000 7.44309  ? 3   AIB A CB2  1 
HETATM 57  H  H    . AIB A 1 3  ? -3.54010  -2.62213  1.96989   1.000 7.34275  ? 3   AIB A H    1 
HETATM 58  H  HB11 . AIB A 1 3  ? -1.81455  -3.72690  -0.06817  1.000 8.73502  ? 3   AIB A HB11 1 
HETATM 59  H  HB12 . AIB A 1 3  ? -2.11623  -2.29083  -1.14429  1.000 8.73502  ? 3   AIB A HB12 1 
HETATM 60  H  HB13 . AIB A 1 3  ? -2.74820  -3.93057  -1.61677  1.000 8.73502  ? 3   AIB A HB13 1 
HETATM 61  H  HB21 . AIB A 1 3  ? -4.66332  -4.93857  -0.43485  1.000 8.92553  ? 3   AIB A HB21 1 
HETATM 62  H  HB22 . AIB A 1 3  ? -5.38765  -4.12105  1.03175   1.000 8.92553  ? 3   AIB A HB22 1 
HETATM 63  H  HB23 . AIB A 1 3  ? -3.70038  -4.82109  1.11527   1.000 8.92553  ? 3   AIB A HB23 1 
ATOM   64  N  N    . GLU A 1 4  ? -5.96373  -1.76432  -0.36920  1.000 6.68064  ? 4   GLU A N    1 
ATOM   65  C  CA   . GLU A 1 4  ? -7.02252  -1.14583  -1.16814  1.000 6.74053  ? 4   GLU A CA   1 
ATOM   66  C  C    . GLU A 1 4  ? -6.60803  0.22114   -1.74053  1.000 5.87826  ? 4   GLU A C    1 
ATOM   67  O  O    . GLU A 1 4  ? -6.97289  0.53482   -2.88695  1.000 5.93745  ? 4   GLU A O    1 
ATOM   68  C  CB   . GLU A 1 4  ? -8.35240  -1.07717  -0.39469  1.000 7.65975  ? 4   GLU A CB   1 
ATOM   69  C  CG   . GLU A 1 4  ? -9.51624  -0.53901  -1.25020  1.000 7.94740  ? 4   GLU A CG   1 
ATOM   70  C  CD   . GLU A 1 4  ? -9.99315  -1.54346  -2.30846  1.000 8.98755  ? 4   GLU A CD   1 
ATOM   71  O  OE1  . GLU A 1 4  ? -9.25585  -2.50948  -2.60891  1.000 8.89055  ? 4   GLU A OE1  1 
ATOM   72  O  OE2  . GLU A 1 4  ? -11.10166 -1.33399  -2.85305  1.000 10.09880 ? 4   GLU A OE2  1 
ATOM   73  H  H    . GLU A 1 4  ? -6.09564  -1.75163  0.48052   1.000 8.01059  ? 4   GLU A H    1 
ATOM   74  H  HA   . GLU A 1 4  ? -7.18718  -1.71365  -1.93714  1.000 8.08246  ? 4   GLU A HA   1 
ATOM   75  H  HB2  . GLU A 1 4  ? -8.58850  -1.96865  -0.09400  1.000 9.18552  ? 4   GLU A HB2  1 
ATOM   76  H  HB3  . GLU A 1 4  ? -8.24336  -0.48782  0.36799   1.000 9.18552  ? 4   GLU A HB3  1 
ATOM   77  H  HG2  . GLU A 1 4  ? -10.26679 -0.33612  -0.67021  1.000 9.53070  ? 4   GLU A HG2  1 
ATOM   78  H  HG3  . GLU A 1 4  ? -9.22523  0.26428   -1.70947  1.000 9.53070  ? 4   GLU A HG3  1 
HETATM 79  N  N    . AIB A 1 5  ? -5.87698  1.01739   -0.96388  1.000 5.78017  ? 5   AIB A N    1 
HETATM 80  C  CA   . AIB A 1 5  ? -5.31734  2.25716   -1.48133  1.000 5.61902  ? 5   AIB A CA   1 
HETATM 81  C  C    . AIB A 1 5  ? -4.60238  1.97159   -2.82483  1.000 4.97722  ? 5   AIB A C    1 
HETATM 82  O  O    . AIB A 1 5  ? -4.71306  2.68897   -3.81981  1.000 5.65548  ? 5   AIB A O    1 
HETATM 83  C  CB1  . AIB A 1 5  ? -6.40117  3.33590   -1.70505  1.000 6.05357  ? 5   AIB A CB1  1 
HETATM 84  C  CB2  . AIB A 1 5  ? -4.25205  2.83266   -0.52063  1.000 5.82954  ? 5   AIB A CB2  1 
HETATM 85  H  H    . AIB A 1 5  ? -5.92897  1.04083   0.03549   1.000 6.93002  ? 5   AIB A H    1 
HETATM 86  H  HB11 . AIB A 1 5  ? -6.51096  3.95591   -0.78364  1.000 7.25811  ? 5   AIB A HB11 1 
HETATM 87  H  HB12 . AIB A 1 5  ? -7.37693  2.84659   -1.93728  1.000 7.25811  ? 5   AIB A HB12 1 
HETATM 88  H  HB13 . AIB A 1 5  ? -6.10750  3.99335   -2.55767  1.000 7.25811  ? 5   AIB A HB13 1 
HETATM 89  H  HB21 . AIB A 1 5  ? -3.85520  3.78654   -0.94524  1.000 6.98927  ? 5   AIB A HB21 1 
HETATM 90  H  HB22 . AIB A 1 5  ? -3.42300  2.09237   -0.40962  1.000 6.98927  ? 5   AIB A HB22 1 
HETATM 91  H  HB23 . AIB A 1 5  ? -4.72376  3.02650   0.47316   1.000 6.98927  ? 5   AIB A HB23 1 
ATOM   92  N  N    . LEU A 1 6  ? -3.83501  0.88100   -2.82770  1.000 5.12875  ? 6   LEU A N    1 
ATOM   93  C  CA   . LEU A 1 6  ? -3.05525  0.47793   -4.00262  1.000 5.46116  ? 6   LEU A CA   1 
ATOM   94  C  C    . LEU A 1 6  ? -3.96767  -0.03803  -5.12888  1.000 5.53947  ? 6   LEU A C    1 
ATOM   95  O  O    . LEU A 1 6  ? -3.76008  0.30244   -6.29647  1.000 5.65009  ? 6   LEU A O    1 
ATOM   96  C  CB   . LEU A 1 6  ? -2.02092  -0.57439  -3.59756  1.000 5.85707  ? 6   LEU A CB   1 
ATOM   97  C  CG   . LEU A 1 6  ? -1.07215  -1.04039  -4.70721  1.000 6.60881  ? 6   LEU A CG   1 
ATOM   98  C  CD1  . LEU A 1 6  ? -0.18544  0.09911   -5.24563  1.000 7.28582  ? 6   LEU A CD1  1 
ATOM   99  C  CD2  . LEU A 1 6  ? -0.19606  -2.17748  -4.18550  1.000 7.55464  ? 6   LEU A CD2  1 
ATOM   100 H  H    . LEU A 1 6  ? -3.74694  0.35144   -2.15584  1.000 6.14832  ? 6   LEU A H    1 
ATOM   101 H  HA   . LEU A 1 6  ? -2.57796  1.24329   -4.35940  1.000 6.54721  ? 6   LEU A HA   1 
ATOM   102 H  HB2  . LEU A 1 6  ? -1.47359  -0.20375  -2.88767  1.000 7.02231  ? 6   LEU A HB2  1 
ATOM   103 H  HB3  . LEU A 1 6  ? -2.49501  -1.35738  -3.27654  1.000 7.02231  ? 6   LEU A HB3  1 
ATOM   104 H  HG   . LEU A 1 6  ? -1.61082  -1.35119  -5.45162  1.000 7.92440  ? 6   LEU A HG   1 
ATOM   105 H  HD11 . LEU A 1 6  ? 0.46295   -0.27099  -5.86492  1.000 8.73680  ? 6   LEU A HD11 1 
ATOM   106 H  HD12 . LEU A 1 6  ? -0.74564  0.74686   -5.70116  1.000 8.73680  ? 6   LEU A HD12 1 
ATOM   107 H  HD13 . LEU A 1 6  ? 0.27151   0.52204   -4.50185  1.000 8.73680  ? 6   LEU A HD13 1 
ATOM   108 H  HD21 . LEU A 1 6  ? 0.36088   -2.50458  -4.90918  1.000 9.05939  ? 6   LEU A HD21 1 
ATOM   109 H  HD22 . LEU A 1 6  ? 0.36055   -1.84235  -3.46524  1.000 9.05939  ? 6   LEU A HD22 1 
ATOM   110 H  HD23 . LEU A 1 6  ? -0.76618  -2.89085  -3.85846  1.000 9.05939  ? 6   LEU A HD23 1 
ATOM   111 N  N    . HIS A 1 7  ? -4.96966  -0.86127  -4.78954  1.000 5.57883  ? 7   HIS A N    1 
ATOM   112 C  CA   . HIS A 1 7  ? -5.95555  -1.30281  -5.77609  1.000 5.65304  ? 7   HIS A CA   1 
ATOM   113 C  C    . HIS A 1 7  ? -6.56159  -0.10147  -6.51019  1.000 5.52353  ? 7   HIS A C    1 
ATOM   114 O  O    . HIS A 1 7  ? -6.65508  -0.07758  -7.74229  1.000 6.59146  ? 7   HIS A O    1 
ATOM   115 C  CB   . HIS A 1 7  ? -7.07116  -2.07759  -5.06665  1.000 6.18621  ? 7   HIS A CB   1 
ATOM   116 C  CG   . HIS A 1 7  ? -7.84057  -2.98434  -5.94321  1.000 7.24991  ? 7   HIS A CG   1 
ATOM   117 N  ND1  . HIS A 1 7  ? -8.65904  -3.97499  -5.43550  1.000 9.17233  ? 7   HIS A ND1  1 
ATOM   118 C  CD2  . HIS A 1 7  ? -7.90885  -3.07019  -7.29106  1.000 8.69503  ? 7   HIS A CD2  1 
ATOM   119 C  CE1  . HIS A 1 7  ? -9.20258  -4.62851  -6.44298  1.000 10.26494 ? 7   HIS A CE1  1 
ATOM   120 N  NE2  . HIS A 1 7  ? -8.76013  -4.10656  -7.57880  1.000 9.98707  ? 7   HIS A NE2  1 
ATOM   121 H  H    . HIS A 1 7  ? -5.09771  -1.17496  -3.99910  1.000 6.68842  ? 7   HIS A H    1 
ATOM   122 H  HA   . HIS A 1 7  ? -5.52164  -1.88334  -6.42076  1.000 6.77748  ? 7   HIS A HA   1 
ATOM   123 H  HB2  . HIS A 1 7  ? -6.67474  -2.61611  -4.36398  1.000 7.41728  ? 7   HIS A HB2  1 
ATOM   124 H  HB3  . HIS A 1 7  ? -7.69494  -1.44059  -4.68451  1.000 7.41728  ? 7   HIS A HB3  1 
ATOM   125 H  HD2  . HIS A 1 7  ? -7.46442  -2.53069  -7.90451  1.000 10.42786 ? 7   HIS A HD2  1 
ATOM   126 H  HE1  . HIS A 1 7  ? -9.79835  -5.33880  -6.36930  1.000 12.31175 ? 7   HIS A HE1  1 
ATOM   127 H  HE2  . HIS A 1 7  ? -8.97248  -4.37440  -8.36796  1.000 11.97831 ? 7   HIS A HE2  1 
ATOM   128 N  N    A TRP A 1 8  ? -6.97563  0.90098   -5.74049  0.739 6.18765  ? 8   TRP A N    1 
ATOM   129 N  N    B TRP A 1 8  ? -6.96647  0.91286   -5.75232  0.261 5.90586  ? 8   TRP A N    1 
ATOM   130 C  CA   A TRP A 1 8  ? -7.59264  2.13496   -6.24186  0.739 6.69846  ? 8   TRP A CA   1 
ATOM   131 C  CA   B TRP A 1 8  ? -7.58357  2.11480   -6.31388  0.261 6.09998  ? 8   TRP A CA   1 
ATOM   132 C  C    A TRP A 1 8  ? -6.61716  2.89569   -7.15021  0.739 6.37880  ? 8   TRP A C    1 
ATOM   133 C  C    B TRP A 1 8  ? -6.59231  2.86918   -7.18553  0.261 5.92651  ? 8   TRP A C    1 
ATOM   134 O  O    A TRP A 1 8  ? -6.96356  3.27520   -8.27559  0.739 7.55954  ? 8   TRP A O    1 
ATOM   135 O  O    B TRP A 1 8  ? -6.89671  3.22214   -8.32642  0.261 6.45185  ? 8   TRP A O    1 
ATOM   136 C  CB   A TRP A 1 8  ? -8.01751  2.97659   -5.01536  0.739 7.75017  ? 8   TRP A CB   1 
ATOM   137 C  CB   B TRP A 1 8  ? -8.07523  3.01707   -5.18216  0.261 6.63550  ? 8   TRP A CB   1 
ATOM   138 C  CG   A TRP A 1 8  ? -8.77457  4.22128   -5.29228  0.739 8.32150  ? 8   TRP A CG   1 
ATOM   139 C  CG   B TRP A 1 8  ? -8.61181  4.34448   -5.61673  0.261 6.54113  ? 8   TRP A CG   1 
ATOM   140 C  CD1  A TRP A 1 8  ? -8.30973  5.48893   -5.19042  0.739 10.65981 ? 8   TRP A CD1  1 
ATOM   141 C  CD1  B TRP A 1 8  ? -7.90073  5.48273   -5.89818  0.261 7.05113  ? 8   TRP A CD1  1 
ATOM   142 C  CD2  A TRP A 1 8  ? -10.15287 4.32915   -5.68394  0.739 8.59357  ? 8   TRP A CD2  1 
ATOM   143 C  CD2  B TRP A 1 8  ? -9.98861  4.67324   -5.82028  0.261 6.35255  ? 8   TRP A CD2  1 
ATOM   144 N  NE1  A TRP A 1 8  ? -9.30067  6.38364   -5.51045  0.739 11.53776 ? 8   TRP A NE1  1 
ATOM   145 N  NE1  B TRP A 1 8  ? -8.75736  6.50045   -6.25287  0.261 7.41277  ? 8   TRP A NE1  1 
ATOM   146 C  CE2  A TRP A 1 8  ? -10.44652 5.69871   -5.80892  0.739 10.58861 ? 8   TRP A CE2  1 
ATOM   147 C  CE2  B TRP A 1 8  ? -10.04330 6.02854   -6.21019  0.261 7.16173  ? 8   TRP A CE2  1 
ATOM   148 C  CE3  A TRP A 1 8  ? -11.16416 3.40243   -5.93342  0.739 10.36233 ? 8   TRP A CE3  1 
ATOM   149 C  CE3  B TRP A 1 8  ? -11.18438 3.95374   -5.70490  0.261 6.74988  ? 8   TRP A CE3  1 
ATOM   150 C  CZ2  A TRP A 1 8  ? -11.70657 6.16551   -6.19382  0.739 11.47916 ? 8   TRP A CZ2  1 
ATOM   151 C  CZ2  B TRP A 1 8  ? -11.24257 6.67715   -6.48618  0.261 6.67634  ? 8   TRP A CZ2  1 
ATOM   152 C  CZ3  A TRP A 1 8  ? -12.40936 3.86757   -6.29793  0.739 12.10565 ? 8   TRP A CZ3  1 
ATOM   153 C  CZ3  B TRP A 1 8  ? -12.37452 4.60115   -5.98153  0.261 6.72105  ? 8   TRP A CZ3  1 
ATOM   154 C  CH2  A TRP A 1 8  ? -12.66950 5.23040   -6.42261  0.739 12.44997 ? 8   TRP A CH2  1 
ATOM   155 C  CH2  B TRP A 1 8  ? -12.39195 5.95137   -6.36637  0.261 5.71997  ? 8   TRP A CH2  1 
ATOM   156 H  H    A TRP A 1 8  ? -6.90918  0.89480   -4.88308  0.739 7.41900  ? 8   TRP A H    1 
ATOM   157 H  H    B TRP A 1 8  ? -6.89470  0.93173   -4.89554  0.261 7.08085  ? 8   TRP A H    1 
ATOM   158 H  HA   A TRP A 1 8  ? -8.37777  1.95350   -6.78180  0.739 8.03198  ? 8   TRP A HA   1 
ATOM   159 H  HA   B TRP A 1 8  ? -8.34246  1.86700   -6.86486  0.261 7.31380  ? 8   TRP A HA   1 
ATOM   160 H  HB2  A TRP A 1 8  ? -8.57923  2.42282   -4.45080  0.739 9.29403  ? 8   TRP A HB2  1 
ATOM   161 H  HB2  B TRP A 1 8  ? -8.78667  2.55685   -4.70995  0.261 7.95642  ? 8   TRP A HB2  1 
ATOM   162 H  HB3  A TRP A 1 8  ? -7.21517  3.23380   -4.53476  0.739 9.29403  ? 8   TRP A HB3  1 
ATOM   163 H  HB3  B TRP A 1 8  ? -7.33337  3.18663   -4.58067  0.261 7.95642  ? 8   TRP A HB3  1 
ATOM   164 H  HD1  A TRP A 1 8  ? -7.44445  5.72008   -4.93993  0.739 12.78560 ? 8   TRP A HD1  1 
ATOM   165 H  HD1  B TRP A 1 8  ? -6.97462  5.55647   -5.85565  0.261 8.45519  ? 8   TRP A HD1  1 
ATOM   166 H  HE1  A TRP A 1 8  ? -9.21464  7.23925   -5.52152  0.739 13.83914 ? 8   TRP A HE1  1 
ATOM   167 H  HE1  B TRP A 1 8  ? -8.52404  7.30027   -6.46602  0.261 8.88915  ? 8   TRP A HE1  1 
ATOM   168 H  HE3  A TRP A 1 8  ? -11.00204 2.48998   -5.85555  0.739 12.42862 ? 8   TRP A HE3  1 
ATOM   169 H  HE3  B TRP A 1 8  ? -11.17823 3.05999   -5.44786  0.261 8.09368  ? 8   TRP A HE3  1 
ATOM   170 H  HZ2  A TRP A 1 8  ? -11.87953 7.07427   -6.28936  0.739 13.76882 ? 8   TRP A HZ2  1 
ATOM   171 H  HZ2  B TRP A 1 8  ? -11.26035 7.57096   -6.74246  0.261 8.00543  ? 8   TRP A HZ2  1 
ATOM   172 H  HZ3  A TRP A 1 8  ? -13.09141 3.25767   -6.46444  0.739 14.52060 ? 8   TRP A HZ3  1 
ATOM   173 H  HZ3  B TRP A 1 8  ? -13.17613 4.13486   -5.91155  0.261 8.05908  ? 8   TRP A HZ3  1 
ATOM   174 H  HH2  A TRP A 1 8  ? -13.52225 5.50854   -6.66829  0.739 14.93378 ? 8   TRP A HH2  1 
ATOM   175 H  HH2  B TRP A 1 8  ? -13.20750 6.36147   -6.54412  0.261 6.85778  ? 8   TRP A HH2  1 
HETATM 176 N  N    . AIB A 1 9  ? -5.41149  3.12886   -6.63478  1.000 5.66590  ? 9   AIB A N    1 
HETATM 177 C  CA   . AIB A 1 9  ? -4.35951  3.82249   -7.37192  1.000 6.25769  ? 9   AIB A CA   1 
HETATM 178 C  C    . AIB A 1 9  ? -4.09143  3.17232   -8.73578  1.000 6.13612  ? 9   AIB A C    1 
HETATM 179 O  O    . AIB A 1 9  ? -3.86539  3.82985   -9.75359  1.000 6.83127  ? 9   AIB A O    1 
HETATM 180 C  CB1  . AIB A 1 9  ? -4.74572  5.29820   -7.62515  1.000 6.96524  ? 9   AIB A CB1  1 
HETATM 181 C  CB2  . AIB A 1 9  ? -3.01959  3.73992   -6.57801  1.000 6.69727  ? 9   AIB A CB2  1 
HETATM 182 H  H    . AIB A 1 9  ? -5.22432  3.18094   -5.65282  1.000 6.79291  ? 9   AIB A H    1 
HETATM 183 H  HB11 . AIB A 1 9  ? -4.98897  5.79522   -6.65600  1.000 8.35211  ? 9   AIB A HB11 1 
HETATM 184 H  HB12 . AIB A 1 9  ? -5.63660  5.34435   -8.29572  1.000 8.35211  ? 9   AIB A HB12 1 
HETATM 185 H  HB13 . AIB A 1 9  ? -3.89362  5.83262   -8.10865  1.000 8.35211  ? 9   AIB A HB13 1 
HETATM 186 H  HB21 . AIB A 1 9  ? -2.20569  4.20308   -7.18689  1.000 8.03055  ? 9   AIB A HB21 1 
HETATM 187 H  HB22 . AIB A 1 9  ? -2.78020  2.66755   -6.37696  1.000 8.03055  ? 9   AIB A HB22 1 
HETATM 188 H  HB23 . AIB A 1 9  ? -3.13273  4.29119   -5.61313  1.000 8.03055  ? 9   AIB A HB23 1 
ATOM   189 N  N    A LEU A 1 10 ? -4.00184  1.84116   -8.73406  0.744 5.67500  ? 10  LEU A N    1 
ATOM   190 N  N    B LEU A 1 10 ? -4.25391  1.86139   -8.76633  0.256 6.24127  ? 10  LEU A N    1 
ATOM   191 C  CA   A LEU A 1 10 ? -3.50010  1.12495   -9.91168  0.744 6.18047  ? 10  LEU A CA   1 
ATOM   192 C  CA   B LEU A 1 10 ? -3.97371  1.11194   -9.97123  0.256 6.37625  ? 10  LEU A CA   1 
ATOM   193 C  C    A LEU A 1 10 ? -4.45354  1.18911   -11.06738 0.744 7.19964  ? 10  LEU A C    1 
ATOM   194 C  C    B LEU A 1 10 ? -5.20911  1.07295   -10.87905 0.256 5.51450  ? 10  LEU A C    1 
ATOM   195 O  O    A LEU A 1 10 ? -4.05385  1.01221   -12.20945 0.744 7.88313  ? 10  LEU A O    1 
ATOM   196 O  O    B LEU A 1 10 ? -5.11605  1.26939   -12.09627 0.256 5.83454  ? 10  LEU A O    1 
ATOM   197 C  CB   A LEU A 1 10 ? -3.18118  -0.34310  -9.58518  0.744 6.11393  ? 10  LEU A CB   1 
ATOM   198 C  CB   B LEU A 1 10 ? -3.54741  -0.29499  -9.56446  0.256 7.69452  ? 10  LEU A CB   1 
ATOM   199 C  CG   A LEU A 1 10 ? -1.86876  -0.54207  -8.83905  0.744 6.47608  ? 10  LEU A CG   1 
ATOM   200 C  CG   B LEU A 1 10 ? -2.04579  -0.47185  -9.33643  0.256 8.93055  ? 10  LEU A CG   1 
ATOM   201 C  CD1  A LEU A 1 10 ? -1.78700  -1.92179  -8.29526  0.744 6.54264  ? 10  LEU A CD1  1 
ATOM   202 C  CD1  B LEU A 1 10 ? -1.74525  -1.93075  -9.16013  0.256 9.84106  ? 10  LEU A CD1  1 
ATOM   203 C  CD2  A LEU A 1 10 ? -0.71634  -0.27500  -9.78277  0.744 7.64025  ? 10  LEU A CD2  1 
ATOM   204 C  CD2  B LEU A 1 10 ? -1.23462  0.10579   -10.48096 0.256 8.90555  ? 10  LEU A CD2  1 
ATOM   205 H  H    A LEU A 1 10 ? -4.22175  1.33611   -8.07364  0.744 6.80382  ? 10  LEU A H    1 
ATOM   206 H  H    B LEU A 1 10 ? -4.52476  1.38576   -8.10299  0.256 7.48334  ? 10  LEU A H    1 
ATOM   207 H  HA   A LEU A 1 10 ? -2.67652  1.55976   -10.18287 0.744 7.41039  ? 10  LEU A HA   1 
ATOM   208 H  HA   B LEU A 1 10 ? -3.25916  1.52198   -10.48327 0.256 7.64533  ? 10  LEU A HA   1 
ATOM   209 H  HB2  A LEU A 1 10 ? -3.89315  -0.69913  -9.03089  0.744 7.33054  ? 10  LEU A HB2  1 
ATOM   210 H  HB2  B LEU A 1 10 ? -3.99748  -0.52451  -8.73643  0.256 9.22725  ? 10  LEU A HB2  1 
ATOM   211 H  HB3  A LEU A 1 10 ? -3.12716  -0.84079  -10.41602 0.744 7.33054  ? 10  LEU A HB3  1 
ATOM   212 H  HB3  B LEU A 1 10 ? -3.81053  -0.91028  -10.26667 0.256 9.22725  ? 10  LEU A HB3  1 
ATOM   213 H  HG   A LEU A 1 10 ? -1.81507  0.07406   -8.09180  0.744 7.76512  ? 10  LEU A HG   1 
ATOM   214 H  HG   B LEU A 1 10 ? -1.78475  0.01069   -8.53649  0.256 10.71048 ? 10  LEU A HG   1 
ATOM   215 H  HD11 A LEU A 1 10 ? -0.97066  -2.00981  -7.77881  0.744 7.84500  ? 10  LEU A HD11 1 
ATOM   216 H  HD11 B LEU A 1 10 ? -0.78344  -2.05609  -9.15008  0.256 11.80309 ? 10  LEU A HD11 1 
ATOM   217 H  HD12 A LEU A 1 10 ? -2.55666  -2.08358  -7.72751  0.744 7.84500  ? 10  LEU A HD12 1 
ATOM   218 H  HD12 B LEU A 1 10 ? -2.12695  -2.23266  -8.32105  0.256 11.80309 ? 10  LEU A HD12 1 
ATOM   219 H  HD13 A LEU A 1 10 ? -1.78153  -2.55203  -9.03259  0.744 7.84500  ? 10  LEU A HD13 1 
ATOM   220 H  HD13 B LEU A 1 10 ? -2.13554  -2.42499  -9.89789  0.256 11.80309 ? 10  LEU A HD13 1 
ATOM   221 H  HD21 A LEU A 1 10 ? 0.11456   -0.51067  -9.34122  0.744 9.16212  ? 10  LEU A HD21 1 
ATOM   222 H  HD21 B LEU A 1 10 ? -0.35960  -0.31271  -10.49062 0.256 10.68049 ? 10  LEU A HD21 1 
ATOM   223 H  HD22 A LEU A 1 10 ? -0.83083  -0.81353  -10.58139 0.744 9.16212  ? 10  LEU A HD22 1 
ATOM   224 H  HD22 B LEU A 1 10 ? -1.69546  -0.07182  -11.31581 0.256 10.68049 ? 10  LEU A HD22 1 
ATOM   225 H  HD23 A LEU A 1 10 ? -0.71126  0.66640   -10.01654 0.744 9.16212  ? 10  LEU A HD23 1 
ATOM   226 H  HD23 B LEU A 1 10 ? -1.14224  1.06261   -10.35118 0.256 10.68049 ? 10  LEU A HD23 1 
HETATM 227 N  N    A NH2 A 1 11 ? -5.97543  1.24756   -10.65518 0.841 9.48436  ? 11  NH2 A N    1 
HETATM 228 N  N    B NH2 A 1 11 ? -6.45696  1.00538   -10.18365 0.040 6.01442  ? 11  NH2 A N    1 
HETATM 229 H  HN1  A NH2 A 1 11 ? -6.52568  0.53449   -10.71399 0.841 11.37505 ? 11  NH2 A HN1  1 
HETATM 230 H  HN1  B NH2 A 1 11 ? -6.35943  0.12580   -10.09924 0.040 7.21113  ? 11  NH2 A HN1  1 
HETATM 231 H  HN2  A NH2 A 1 11 ? -6.39811  1.72703   -10.01160 0.841 11.37505 ? 11  NH2 A HN2  1 
HETATM 232 H  HN2  B NH2 A 1 11 ? -7.15273  1.22235   -9.67450  0.040 7.21113  ? 11  NH2 A HN2  1 
HETATM 233 C  C    . ACE B 1 1  ? 3.54221   6.22655   0.52549   1.000 7.13714  ? 1   ACE B C    1 
HETATM 234 O  O    . ACE B 1 1  ? 3.99139   5.44203   1.42466   1.000 7.82878  ? 1   ACE B O    1 
HETATM 235 C  CH3  . ACE B 1 1  ? 3.95129   7.66314   0.47734   1.000 7.90997  ? 1   ACE B CH3  1 
HETATM 236 H  H1   . ACE B 1 1  ? 4.79787   7.76008   0.01387   1.000 9.48578  ? 1   ACE B H1   1 
HETATM 237 H  H2   . ACE B 1 1  ? 4.05066   8.01846   1.37442   1.000 9.48578  ? 1   ACE B H2   1 
HETATM 238 H  H3   . ACE B 1 1  ? 3.28443   8.19095   0.01085   1.000 9.48578  ? 1   ACE B H3   1 
ATOM   239 N  N    . LEU B 1 2  ? 2.51032   5.80425   -0.33707  1.000 6.31014  ? 2   LEU B N    1 
ATOM   240 C  CA   . LEU B 1 2  ? 1.90022   4.50687   -0.24166  1.000 5.99169  ? 2   LEU B CA   1 
ATOM   241 C  C    . LEU B 1 2  ? 2.91006   3.35906   -0.29007  1.000 6.23640  ? 2   LEU B C    1 
ATOM   242 O  O    . LEU B 1 2  ? 2.85937   2.45998   0.56311   1.000 6.11927  ? 2   LEU B O    1 
ATOM   243 C  CB   . LEU B 1 2  ? 0.88591   4.37739   -1.37006  1.000 6.27274  ? 2   LEU B CB   1 
ATOM   244 C  CG   . LEU B 1 2  ? 0.25581   3.00114   -1.54975  1.000 6.72996  ? 2   LEU B CG   1 
ATOM   245 C  CD1  . LEU B 1 2  ? -0.42662  2.52711   -0.25209  1.000 7.33912  ? 2   LEU B CD1  1 
ATOM   246 C  CD2  . LEU B 1 2  ? -0.72307  3.03699   -2.69362  1.000 7.65826  ? 2   LEU B CD2  1 
ATOM   247 H  H    . LEU B 1 2  ? 2.13135   6.35316   -0.88067  1.000 7.56599  ? 2   LEU B H    1 
ATOM   248 H  HA   . LEU B 1 2  ? 1.45842   4.42229   0.61774   1.000 7.18385  ? 2   LEU B HA   1 
ATOM   249 H  HB2  . LEU B 1 2  ? 0.16446   5.00337   -1.20109  1.000 7.52111  ? 2   LEU B HB2  1 
ATOM   250 H  HB3  . LEU B 1 2  ? 1.33038   4.60037   -2.20289  1.000 7.52111  ? 2   LEU B HB3  1 
ATOM   251 H  HG   . LEU B 1 2  ? 0.94960   2.35568   -1.75695  1.000 8.06978  ? 2   LEU B HG   1 
ATOM   252 H  HD11 . LEU B 1 2  ? -0.85073  1.66977   -0.41332  1.000 8.80077  ? 2   LEU B HD11 1 
ATOM   253 H  HD12 . LEU B 1 2  ? 0.24387   2.43890   0.44329   1.000 8.80077  ? 2   LEU B HD12 1 
ATOM   254 H  HD13 . LEU B 1 2  ? -1.09260  3.18121   0.01161   1.000 8.80077  ? 2   LEU B HD13 1 
ATOM   255 H  HD21 . LEU B 1 2  ? -1.07404  2.14416   -2.83704  1.000 9.18373  ? 2   LEU B HD21 1 
ATOM   256 H  HD22 . LEU B 1 2  ? -1.44575  3.64483   -2.47190  1.000 9.18373  ? 2   LEU B HD22 1 
ATOM   257 H  HD23 . LEU B 1 2  ? -0.26523  3.34454   -3.49156  1.000 9.18373  ? 2   LEU B HD23 1 
HETATM 258 N  N    . AIB B 1 3  ? 3.78320   3.33662   -1.29855  1.000 6.30859  ? 3   AIB B N    1 
HETATM 259 C  CA   . AIB B 1 3  ? 4.68673   2.21974   -1.49163  1.000 6.66161  ? 3   AIB B CA   1 
HETATM 260 C  C    . AIB B 1 3  ? 5.48078   1.91463   -0.19477  1.000 6.50921  ? 3   AIB B C    1 
HETATM 261 O  O    . AIB B 1 3  ? 5.58638   0.77639   0.28074   1.000 7.40655  ? 3   AIB B O    1 
HETATM 262 C  CB1  . AIB B 1 3  ? 3.88179   0.97683   -1.92518  1.000 7.31022  ? 3   AIB B CB1  1 
HETATM 263 C  CB2  . AIB B 1 3  ? 5.72075   2.56379   -2.58331  1.000 7.68601  ? 3   AIB B CB2  1 
HETATM 264 H  H    . AIB B 1 3  ? 3.67659   3.85129   -2.15046  1.000 7.56414  ? 3   AIB B H    1 
HETATM 265 H  HB11 . AIB B 1 3  ? 3.41265   1.16075   -2.92093  1.000 8.76609  ? 3   AIB B HB11 1 
HETATM 266 H  HB12 . AIB B 1 3  ? 3.08242   0.76580   -1.17555  1.000 8.76609  ? 3   AIB B HB12 1 
HETATM 267 H  HB13 . AIB B 1 3  ? 4.56125   0.09437   -1.99631  1.000 8.76609  ? 3   AIB B HB13 1 
HETATM 268 H  HB21 . AIB B 1 3  ? 6.48165   1.74769   -2.63519  1.000 9.21704  ? 3   AIB B HB21 1 
HETATM 269 H  HB22 . AIB B 1 3  ? 6.21729   3.53012   -2.32385  1.000 9.21704  ? 3   AIB B HB22 1 
HETATM 270 H  HB23 . AIB B 1 3  ? 5.19685   2.65763   -3.56536  1.000 9.21704  ? 3   AIB B HB23 1 
ATOM   271 N  N    . GLU B 1 4  ? 6.06055   2.97405   0.37303   1.000 6.86187  ? 4   GLU B N    1 
ATOM   272 C  CA   . GLU B 1 4  ? 6.87178   2.85680   1.57195   1.000 7.08578  ? 4   GLU B CA   1 
ATOM   273 C  C    . GLU B 1 4  ? 6.02683   2.42403   2.78221   1.000 6.34152  ? 4   GLU B C    1 
ATOM   274 O  O    . GLU B 1 4  ? 6.44087   1.53092   3.53175   1.000 6.79980  ? 4   GLU B O    1 
ATOM   275 C  CB   . GLU B 1 4  ? 7.62957   4.16062   1.87175   1.000 7.40669  ? 4   GLU B CB   1 
ATOM   276 C  CG   . GLU B 1 4  ? 8.57009   3.99448   3.04817   1.000 7.42564  ? 4   GLU B CG   1 
ATOM   277 C  CD   . GLU B 1 4  ? 9.40215   5.22433   3.39302   1.000 7.98900  ? 4   GLU B CD   1 
ATOM   278 O  OE1  . GLU B 1 4  ? 8.97319   6.34921   3.04547   1.000 9.75332  ? 4   GLU B OE1  1 
ATOM   279 O  OE2  . GLU B 1 4  ? 10.47046  5.04013   4.04873   1.000 8.48072  ? 4   GLU B OE2  1 
ATOM   280 H  H    . GLU B 1 4  ? 5.99502   3.77817   0.07524   1.000 8.22807  ? 4   GLU B H    1 
ATOM   281 H  HA   . GLU B 1 4  ? 7.54037   2.17057   1.42042   1.000 8.49676  ? 4   GLU B HA   1 
ATOM   282 H  HB2  . GLU B 1 4  ? 8.15247   4.41386   1.09499   1.000 8.88185  ? 4   GLU B HB2  1 
ATOM   283 H  HB3  . GLU B 1 4  ? 6.99258   4.86028   2.08534   1.000 8.88185  ? 4   GLU B HB3  1 
ATOM   284 H  HG2  . GLU B 1 4  ? 8.04410   3.77177   3.83216   1.000 8.90459  ? 4   GLU B HG2  1 
ATOM   285 H  HG3  . GLU B 1 4  ? 9.18783   3.27406   2.84749   1.000 8.90459  ? 4   GLU B HG3  1 
HETATM 286 N  N    . AIB B 1 5  ? 4.89189   3.08072   2.98101   1.000 5.86995  ? 5   AIB B N    1 
HETATM 287 C  CA   . AIB B 1 5  ? 4.00692   2.79096   4.10844   1.000 6.21129  ? 5   AIB B CA   1 
HETATM 288 C  C    . AIB B 1 5  ? 3.61381   1.30061   4.11819   1.000 5.87250  ? 5   AIB B C    1 
HETATM 289 O  O    . AIB B 1 5  ? 3.64245   0.60034   5.13226   1.000 6.02215  ? 5   AIB B O    1 
HETATM 290 C  CB1  . AIB B 1 5  ? 4.69494   3.15714   5.44524   1.000 6.64433  ? 5   AIB B CB1  1 
HETATM 291 C  CB2  . AIB B 1 5  ? 2.70172   3.59639   3.97622   1.000 6.56948  ? 5   AIB B CB2  1 
HETATM 292 H  H    . AIB B 1 5  ? 4.37944   3.54577   2.25773   1.000 7.03777  ? 5   AIB B H    1 
HETATM 293 H  HB11 . AIB B 1 5  ? 4.84790   4.26127   5.49975   1.000 7.96701  ? 5   AIB B HB11 1 
HETATM 294 H  HB12 . AIB B 1 5  ? 5.68437   2.64524   5.51191   1.000 7.96701  ? 5   AIB B HB12 1 
HETATM 295 H  HB13 . AIB B 1 5  ? 4.05460   2.83213   6.29952   1.000 7.96701  ? 5   AIB B HB13 1 
HETATM 296 H  HB21 . AIB B 1 5  ? 2.01797   3.32343   4.81626   1.000 7.87720  ? 5   AIB B HB21 1 
HETATM 297 H  HB22 . AIB B 1 5  ? 2.21935   3.35145   2.99897   1.000 7.87720  ? 5   AIB B HB22 1 
HETATM 298 H  HB23 . AIB B 1 5  ? 2.94001   4.68681   4.01943   1.000 7.87720  ? 5   AIB B HB23 1 
ATOM   299 N  N    . LEU B 1 6  ? 3.22340   0.81656   2.93930   1.000 5.99132  ? 6   LEU B N    1 
ATOM   300 C  CA   . LEU B 1 6  ? 2.78758   -0.55719  2.75530   1.000 6.07732  ? 6   LEU B CA   1 
ATOM   301 C  C    . LEU B 1 6  ? 3.92665   -1.54593  3.03518   1.000 6.42282  ? 6   LEU B C    1 
ATOM   302 O  O    . LEU B 1 6  ? 3.74020   -2.56118  3.73022   1.000 6.38739  ? 6   LEU B O    1 
ATOM   303 C  CB   . LEU B 1 6  ? 2.24304   -0.72643  1.34070   1.000 6.26562  ? 6   LEU B CB   1 
ATOM   304 C  CG   . LEU B 1 6  ? 1.88953   -2.14562  0.91663   1.000 7.02055  ? 6   LEU B CG   1 
ATOM   305 C  CD1  . LEU B 1 6  ? 0.80784   -2.77390  1.81876   1.000 7.51637  ? 6   LEU B CD1  1 
ATOM   306 C  CD2  . LEU B 1 6  ? 1.43869   -2.11432  -0.51369  1.000 8.07749  ? 6   LEU B CD2  1 
ATOM   307 H  H    . LEU B 1 6  ? 3.20302   1.27938   2.21474   1.000 7.18341  ? 6   LEU B H    1 
ATOM   308 H  HA   . LEU B 1 6  ? 2.07752   -0.76804  3.38160   1.000 7.28661  ? 6   LEU B HA   1 
ATOM   309 H  HB2  . LEU B 1 6  ? 1.43465   -0.19583  1.26405   1.000 7.51257  ? 6   LEU B HB2  1 
ATOM   310 H  HB3  . LEU B 1 6  ? 2.91334   -0.40142  0.71944   1.000 7.51257  ? 6   LEU B HB3  1 
ATOM   311 H  HG   . LEU B 1 6  ? 2.67223   -2.71163  1.00564   1.000 8.41849  ? 6   LEU B HG   1 
ATOM   312 H  HD11 . LEU B 1 6  ? 0.61013   -3.66804  1.49887   1.000 9.01346  ? 6   LEU B HD11 1 
ATOM   313 H  HD12 . LEU B 1 6  ? 1.14026   -2.81426  2.72913   1.000 9.01346  ? 6   LEU B HD12 1 
ATOM   314 H  HD13 . LEU B 1 6  ? 0.00867   -2.22535  1.78245   1.000 9.01346  ? 6   LEU B HD13 1 
ATOM   315 H  HD21 . LEU B 1 6  ? 1.25284   -3.02032  -0.80612  1.000 9.68681  ? 6   LEU B HD21 1 
ATOM   316 H  HD22 . LEU B 1 6  ? 0.63579   -1.57408  -0.57997  1.000 9.68681  ? 6   LEU B HD22 1 
ATOM   317 H  HD23 . LEU B 1 6  ? 2.14268   -1.72879  -1.05835  1.000 9.68681  ? 6   LEU B HD23 1 
ATOM   318 N  N    . HIS B 1 7  ? 5.11218   -1.27821  2.48698   1.000 6.24898  ? 7   HIS B N    1 
ATOM   319 C  CA   . HIS B 1 7  ? 6.21300   -2.18190  2.75886   1.000 6.53733  ? 7   HIS B CA   1 
ATOM   320 C  C    . HIS B 1 7  ? 6.50625   -2.24350  4.25950   1.000 6.54160  ? 7   HIS B C    1 
ATOM   321 O  O    . HIS B 1 7  ? 6.73455   -3.33308  4.80780   1.000 6.74171  ? 7   HIS B O    1 
ATOM   322 C  CB   . HIS B 1 7  ? 7.42808   -1.78566  1.94287   1.000 7.15293  ? 7   HIS B CB   1 
ATOM   323 C  CG   . HIS B 1 7  ? 8.47119   -2.83932  1.85755   1.000 7.49949  ? 7   HIS B CG   1 
ATOM   324 N  ND1  . HIS B 1 7  ? 9.57690   -2.69751  1.05090   1.000 8.63477  ? 7   HIS B ND1  1 
ATOM   325 C  CD2  . HIS B 1 7  ? 8.61293   -4.02433  2.49551   1.000 8.73586  ? 7   HIS B CD2  1 
ATOM   326 C  CE1  . HIS B 1 7  ? 10.34504  -3.76199  1.18520   1.000 8.97556  ? 7   HIS B CE1  1 
ATOM   327 N  NE2  . HIS B 1 7  ? 9.78449   -4.58167  2.05604   1.000 9.03065  ? 7   HIS B NE2  1 
ATOM   328 H  H    . HIS B 1 7  ? 5.29179   -0.60885  1.97777   1.000 7.49260  ? 7   HIS B H    1 
ATOM   329 H  HA   . HIS B 1 7  ? 5.97781   -3.08049  2.47933   1.000 7.83862  ? 7   HIS B HA   1 
ATOM   330 H  HB2  . HIS B 1 7  ? 7.14179   -1.58068  1.03902   1.000 8.57734  ? 7   HIS B HB2  1 
ATOM   331 H  HB3  . HIS B 1 7  ? 7.83261   -1.00280  2.34831   1.000 8.57734  ? 7   HIS B HB3  1 
ATOM   332 H  HD2  . HIS B 1 7  ? 8.02527   -4.39138  3.11584   1.000 10.47685 ? 7   HIS B HD2  1 
ATOM   333 H  HE1  . HIS B 1 7  ? 11.14813  -3.91048  0.74034   1.000 10.76450 ? 7   HIS B HE1  1 
ATOM   334 H  HE2  . HIS B 1 7  ? 10.10271  -5.34050  2.30605   1.000 10.83060 ? 7   HIS B HE2  1 
ATOM   335 N  N    A TRP B 1 8  ? 6.47505   -1.09837  4.94436   0.474 6.23926  ? 8   TRP B N    1 
ATOM   336 N  N    B TRP B 1 8  ? 6.48035   -1.10077  4.94901   0.245 6.16055  ? 8   TRP B N    1 
ATOM   337 N  N    C TRP B 1 8  ? 6.48272   -1.10230  4.94564   0.280 6.40864  ? 8   TRP B N    1 
ATOM   338 C  CA   A TRP B 1 8  ? 6.75133   -1.08581  6.37294   0.474 6.30265  ? 8   TRP B CA   1 
ATOM   339 C  CA   B TRP B 1 8  ? 6.74344   -1.10355  6.38845   0.245 5.84429  ? 8   TRP B CA   1 
ATOM   340 C  CA   C TRP B 1 8  ? 6.75106   -1.11770  6.37527   0.280 6.37487  ? 8   TRP B CA   1 
ATOM   341 C  C    A TRP B 1 8  ? 5.71491   -1.92279  7.14521   0.474 6.19540  ? 8   TRP B C    1 
ATOM   342 C  C    B TRP B 1 8  ? 5.70765   -1.95997  7.12089   0.245 5.75755  ? 8   TRP B C    1 
ATOM   343 C  C    C TRP B 1 8  ? 5.71048   -1.96265  7.12075   0.280 5.87296  ? 8   TRP B C    1 
ATOM   344 O  O    A TRP B 1 8  ? 6.07199   -2.73396  8.01636   0.474 6.55847  ? 8   TRP B O    1 
ATOM   345 O  O    B TRP B 1 8  ? 6.05273   -2.83262  7.92245   0.245 5.74637  ? 8   TRP B O    1 
ATOM   346 O  O    C TRP B 1 8  ? 6.05766   -2.81704  7.94736   0.280 5.69979  ? 8   TRP B O    1 
ATOM   347 C  CB   A TRP B 1 8  ? 6.81751   0.34733   6.92516   0.474 7.27089  ? 8   TRP B CB   1 
ATOM   348 C  CB   B TRP B 1 8  ? 6.77134   0.31601   6.97960   0.245 5.93952  ? 8   TRP B CB   1 
ATOM   349 C  CB   C TRP B 1 8  ? 6.78968   0.28803   6.97674   0.280 7.20084  ? 8   TRP B CB   1 
ATOM   350 C  CG   A TRP B 1 8  ? 7.14539   0.33210   8.36674   0.474 6.80129  ? 8   TRP B CG   1 
ATOM   351 C  CG   B TRP B 1 8  ? 7.31269   0.32388   8.38857   0.245 5.14329  ? 8   TRP B CG   1 
ATOM   352 C  CG   C TRP B 1 8  ? 7.00848   0.17984   8.42640   0.280 7.12578  ? 8   TRP B CG   1 
ATOM   353 C  CD1  A TRP B 1 8  ? 6.27269   0.46586   9.39634   0.474 8.19748  ? 8   TRP B CD1  1 
ATOM   354 C  CD1  B TRP B 1 8  ? 6.61243   0.50398   9.54708   0.245 5.87185  ? 8   TRP B CD1  1 
ATOM   355 C  CD1  C TRP B 1 8  ? 6.07474   0.33674   9.40513   0.280 7.77425  ? 8   TRP B CD1  1 
ATOM   356 C  CD2  A TRP B 1 8  ? 8.43253   0.11901   8.95541   0.474 6.73790  ? 8   TRP B CD2  1 
ATOM   357 C  CD2  B TRP B 1 8  ? 8.67184   0.10251   8.77907   0.245 4.58866  ? 8   TRP B CD2  1 
ATOM   358 C  CD2  C TRP B 1 8  ? 8.22934   -0.17626  9.08444   0.280 7.08263  ? 8   TRP B CD2  1 
ATOM   359 N  NE1  A TRP B 1 8  ? 6.92911   0.34543   10.59588  0.474 8.07252  ? 8   TRP B NE1  1 
ATOM   360 N  NE1  B TRP B 1 8  ? 7.45713   0.41594   10.63465  0.245 5.34134  ? 8   TRP B NE1  1 
ATOM   361 N  NE1  C TRP B 1 8  ? 6.63558   0.10774   10.63176  0.280 7.53387  ? 8   TRP B NE1  1 
ATOM   362 C  CE2  A TRP B 1 8  ? 8.26323   0.14524   10.35280  0.474 7.67851  ? 8   TRP B CE2  1 
ATOM   363 C  CE2  B TRP B 1 8  ? 8.72636   0.16908   10.18683  0.245 4.48130  ? 8   TRP B CE2  1 
ATOM   364 C  CE2  C TRP B 1 8  ? 7.95894   -0.20622  10.46539  0.280 7.21702  ? 8   TRP B CE2  1 
ATOM   365 C  CE3  A TRP B 1 8  ? 9.71650   -0.07993  8.43658   0.474 7.50431  ? 8   TRP B CE3  1 
ATOM   366 C  CE3  B TRP B 1 8  ? 9.85037   -0.14100  8.07064   0.245 4.99074  ? 8   TRP B CE3  1 
ATOM   367 C  CE3  C TRP B 1 8  ? 9.52630   -0.46979  8.64133   0.280 7.73785  ? 8   TRP B CE3  1 
ATOM   368 C  CZ2  A TRP B 1 8  ? 9.33167   -0.02757  11.23516  0.474 8.98896  ? 8   TRP B CZ2  1 
ATOM   369 C  CZ2  B TRP B 1 8  ? 9.91165   -0.00372  10.89770  0.245 4.13378  ? 8   TRP B CZ2  1 
ATOM   370 C  CZ2  C TRP B 1 8  ? 8.93086   -0.51326  11.40719  0.280 7.20537  ? 8   TRP B CZ2  1 
ATOM   371 C  CZ3  A TRP B 1 8  ? 10.76270  -0.25155  9.31120   0.474 8.61508  ? 8   TRP B CZ3  1 
ATOM   372 C  CZ3  B TRP B 1 8  ? 11.01581  -0.31072  8.76582   0.245 4.76280  ? 8   TRP B CZ3  1 
ATOM   373 C  CZ3  C TRP B 1 8  ? 10.49422  -0.76966  9.58331   0.280 7.73450  ? 8   TRP B CZ3  1 
ATOM   374 C  CH2  A TRP B 1 8  ? 10.56853  -0.22294  10.68950  0.474 9.20997  ? 8   TRP B CH2  1 
ATOM   375 C  CH2  B TRP B 1 8  ? 11.04354  -0.24169  10.17047  0.245 3.73997  ? 8   TRP B CH2  1 
ATOM   376 C  CH2  C TRP B 1 8  ? 10.19053  -0.78765  10.94941  0.280 7.65997  ? 8   TRP B CH2  1 
ATOM   377 H  H    A TRP B 1 8  ? 6.29834   -0.32819  4.60496   0.474 7.48094  ? 8   TRP B H    1 
ATOM   378 H  H    B TRP B 1 8  ? 6.31612   -0.32663  4.61238   0.245 7.38648  ? 8   TRP B H    1 
ATOM   379 H  H    C TRP B 1 8  ? 6.31770   -0.32723  4.61153   0.280 7.68420  ? 8   TRP B H    1 
ATOM   380 H  HA   A TRP B 1 8  ? 7.62417   -1.48259  6.52002   0.474 7.55700  ? 8   TRP B HA   1 
ATOM   381 H  HA   B TRP B 1 8  ? 7.62527   -1.48060  6.53378   0.245 7.00698  ? 8   TRP B HA   1 
ATOM   382 H  HA   C TRP B 1 8  ? 7.62998   -1.50794  6.50217   0.280 7.64367  ? 8   TRP B HA   1 
ATOM   383 H  HB2  A TRP B 1 8  ? 7.50598   0.84427   6.45618   0.474 8.71889  ? 8   TRP B HB2  1 
ATOM   384 H  HB2  B TRP B 1 8  ? 7.33987   0.87946   6.43169   0.245 7.12125  ? 8   TRP B HB2  1 
ATOM   385 H  HB2  C TRP B 1 8  ? 7.51699   0.79570   6.58404   0.280 8.63483  ? 8   TRP B HB2  1 
ATOM   386 H  HB3  A TRP B 1 8  ? 5.95751   0.78033   6.80768   0.474 8.71889  ? 8   TRP B HB3  1 
ATOM   387 H  HB3  B TRP B 1 8  ? 5.86945   0.67261   6.99781   0.245 7.12125  ? 8   TRP B HB3  1 
ATOM   388 H  HB3  C TRP B 1 8  ? 5.94600   0.73922   6.81693   0.280 8.63483  ? 8   TRP B HB3  1 
ATOM   389 H  HD1  A TRP B 1 8  ? 5.35991   0.61753   9.30296   0.474 9.83080  ? 8   TRP B HD1  1 
ATOM   390 H  HD1  B TRP B 1 8  ? 5.69746   0.66315   9.59602   0.245 7.04004  ? 8   TRP B HD1  1 
ATOM   391 H  HD1  C TRP B 1 8  ? 5.18514   0.56620   9.26069   0.280 9.32292  ? 8   TRP B HD1  1 
ATOM   392 H  HE1  A TRP B 1 8  ? 6.56316   0.38854   11.37294  0.474 9.68085  ? 8   TRP B HE1  1 
ATOM   393 H  HE1  B TRP B 1 8  ? 7.22430   0.50201   11.45805  0.245 6.40343  ? 8   TRP B HE1  1 
ATOM   394 H  HE1  C TRP B 1 8  ? 6.22403   0.15345   11.38551  0.280 9.03447  ? 8   TRP B HE1  1 
ATOM   395 H  HE3  A TRP B 1 8  ? 9.85929   -0.09574  7.51775   0.474 8.99900  ? 8   TRP B HE3  1 
ATOM   396 H  HE3  B TRP B 1 8  ? 9.84282   -0.18699  7.14181   0.245 5.98272  ? 8   TRP B HE3  1 
ATOM   397 H  HE3  C TRP B 1 8  ? 9.73163   -0.46313  7.73430   0.280 9.27925  ? 8   TRP B HE3  1 
ATOM   398 H  HZ2  A TRP B 1 8  ? 9.20626   -0.01034  12.15651  0.474 10.78057 ? 8   TRP B HZ2  1 
ATOM   399 H  HZ2  B TRP B 1 8  ? 9.93169   0.04092   11.82641  0.245 4.95436  ? 8   TRP B HZ2  1 
ATOM   400 H  HZ2  C TRP B 1 8  ? 8.73322   -0.53180  12.31575  0.280 8.64026  ? 8   TRP B HZ2  1 
ATOM   401 H  HZ3  A TRP B 1 8  ? 11.61875  -0.38976  8.97509   0.474 10.33192 ? 8   TRP B HZ3  1 
ATOM   402 H  HZ3  B TRP B 1 8  ? 11.80459  -0.47481  8.30127   0.245 5.70918  ? 8   TRP B HZ3  1 
ATOM   403 H  HZ3  C TRP B 1 8  ? 11.36024  -0.96228  9.30438   0.280 9.27523  ? 8   TRP B HZ3  1 
ATOM   404 H  HH2  A TRP B 1 8  ? 11.29925  -0.33979  11.25281  0.474 11.04578 ? 8   TRP B HH2  1 
ATOM   405 H  HH2  B TRP B 1 8  ? 11.85177  -0.36089  10.61483  0.245 4.48178  ? 8   TRP B HH2  1 
ATOM   406 H  HH2  C TRP B 1 8  ? 10.86121  -0.99106  11.56072  0.280 9.18578  ? 8   TRP B HH2  1 
HETATM 407 N  N    . AIB B 1 9  ? 4.43303   -1.70709  6.84829   1.000 5.80984  ? 9   AIB B N    1 
HETATM 408 C  CA   . AIB B 1 9  ? 3.33842   -2.46976  7.46841   1.000 5.95868  ? 9   AIB B CA   1 
HETATM 409 C  C    . AIB B 1 9  ? 3.54307   -3.99248  7.30521   1.000 5.49734  ? 9   AIB B C    1 
HETATM 410 O  O    . AIB B 1 9  ? 3.22669   -4.80708  8.18184   1.000 6.06915  ? 9   AIB B O    1 
HETATM 411 C  CB1  . AIB B 1 9  ? 3.24200   -2.13615  8.97405   1.000 6.38028  ? 9   AIB B CB1  1 
HETATM 412 C  CB2  . AIB B 1 9  ? 2.00425   -2.11106  6.77109   1.000 6.06008  ? 9   AIB B CB2  1 
HETATM 413 H  H    . AIB B 1 9  ? 4.08028   -0.84318  6.48604   1.000 6.96563  ? 9   AIB B H    1 
HETATM 414 H  HB11 . AIB B 1 9  ? 3.10158   -1.03714  9.10781   1.000 7.65016  ? 9   AIB B HB11 1 
HETATM 415 H  HB12 . AIB B 1 9  ? 4.17940   -2.45250  9.49043   1.000 7.65016  ? 9   AIB B HB12 1 
HETATM 416 H  HB13 . AIB B 1 9  ? 2.37456   -2.67505  9.42416   1.000 7.65016  ? 9   AIB B HB13 1 
HETATM 417 H  HB21 . AIB B 1 9  ? 1.17824   -2.69939  7.23933   1.000 7.26592  ? 9   AIB B HB21 1 
HETATM 418 H  HB22 . AIB B 1 9  ? 2.08115   -2.36201  5.68536   1.000 7.26592  ? 9   AIB B HB22 1 
HETATM 419 H  HB23 . AIB B 1 9  ? 1.80997   -1.01814  6.89548   1.000 7.26592  ? 9   AIB B HB23 1 
ATOM   420 N  N    A LEU B 1 10 ? 4.01840   -4.38405  6.12317   0.618 5.50374  ? 10  LEU B N    1 
ATOM   421 N  N    B LEU B 1 10 ? 4.11199   -4.37688  6.16336   0.382 5.45137  ? 10  LEU B N    1 
ATOM   422 C  CA   A LEU B 1 10 ? 4.15386   -5.80096  5.76300   0.618 5.96142  ? 10  LEU B CA   1 
ATOM   423 C  CA   B LEU B 1 10 ? 4.39376   -5.78480  5.85951   0.382 5.35075  ? 10  LEU B CA   1 
ATOM   424 C  C    A LEU B 1 10 ? 5.35735   -6.47247  6.42547   0.618 5.70539  ? 10  LEU B C    1 
ATOM   425 C  C    B LEU B 1 10 ? 5.70406   -6.28564  6.46709   0.382 4.72559  ? 10  LEU B C    1 
ATOM   426 O  O    A LEU B 1 10 ? 5.47282   -7.70300  6.42601   0.618 6.48349  ? 10  LEU B O    1 
ATOM   427 O  O    B LEU B 1 10 ? 5.95393   -7.49580  6.52015   0.382 5.10929  ? 10  LEU B O    1 
ATOM   428 C  CB   A LEU B 1 10 ? 4.21169   -5.95489  4.23684   0.618 6.01004  ? 10  LEU B CB   1 
ATOM   429 C  CB   B LEU B 1 10 ? 4.42926   -5.98621  4.34756   0.382 5.63527  ? 10  LEU B CB   1 
ATOM   430 C  CG   A LEU B 1 10 ? 2.88209   -5.68698  3.52143   0.618 6.79425  ? 10  LEU B CG   1 
ATOM   431 C  CG   B LEU B 1 10 ? 3.08835   -5.81305  3.64674   0.382 6.42234  ? 10  LEU B CG   1 
ATOM   432 C  CD1  A LEU B 1 10 ? 3.10717   -5.48556  2.02471   0.618 6.39770  ? 10  LEU B CD1  1 
ATOM   433 C  CD1  B LEU B 1 10 ? 3.30835   -5.82004  2.14637   0.382 6.62040  ? 10  LEU B CD1  1 
ATOM   434 C  CD2  A LEU B 1 10 ? 1.88942   -6.81366  3.77199   0.618 7.93470  ? 10  LEU B CD2  1 
ATOM   435 C  CD2  B LEU B 1 10 ? 2.12409   -6.91497  4.06345   0.382 6.94608  ? 10  LEU B CD2  1 
ATOM   436 H  H    A LEU B 1 10 ? 4.27293   -3.84471  5.50356   0.618 6.59831  ? 10  LEU B H    1 
ATOM   437 H  H    B LEU B 1 10 ? 4.34863   -3.83618  5.53786   0.382 6.53547  ? 10  LEU B H    1 
ATOM   438 H  HA   A LEU B 1 10 ? 3.37217   -6.27313  6.09001   0.618 7.14752  ? 10  LEU B HA   1 
ATOM   439 H  HA   B LEU B 1 10 ? 3.68423   -6.31867  6.24997   0.382 6.41473  ? 10  LEU B HA   1 
ATOM   440 H  HB2  A LEU B 1 10 ? 4.86462   -5.32804  3.88805   0.618 7.20588  ? 10  LEU B HB2  1 
ATOM   441 H  HB2  B LEU B 1 10 ? 5.04371   -5.33973  3.96626   0.382 6.75615  ? 10  LEU B HB2  1 
ATOM   442 H  HB3  A LEU B 1 10 ? 4.47975   -6.86349  4.02833   0.618 7.20588  ? 10  LEU B HB3  1 
ATOM   443 H  HB3  B LEU B 1 10 ? 4.73994   -6.88684  4.16523   0.382 6.75615  ? 10  LEU B HB3  1 
ATOM   444 H  HG   A LEU B 1 10 ? 2.49648   -4.87195  3.87912   0.618 8.14692  ? 10  LEU B HG   1 
ATOM   445 H  HG   B LEU B 1 10 ? 2.68592   -4.96708  3.89832   0.382 7.70063  ? 10  LEU B HG   1 
ATOM   446 H  HD11 A LEU B 1 10 ? 2.25292   -5.31878  1.59652   0.618 7.67107  ? 10  LEU B HD11 1 
ATOM   447 H  HD11 B LEU B 1 10 ? 2.44673   -5.82659  1.70088   0.382 7.93830  ? 10  LEU B HD11 1 
ATOM   448 H  HD12 A LEU B 1 10 ? 3.69679   -4.72662  1.89333   0.618 7.67107  ? 10  LEU B HD12 1 
ATOM   449 H  HD12 B LEU B 1 10 ? 3.80406   -5.02469  1.89617   0.382 7.93830  ? 10  LEU B HD12 1 
ATOM   450 H  HD13 A LEU B 1 10 ? 3.51145   -6.28631  1.65559   0.618 7.67107  ? 10  LEU B HD13 1 
ATOM   451 H  HD13 B LEU B 1 10 ? 3.81172   -6.61320  1.90470   0.382 7.93830  ? 10  LEU B HD13 1 
ATOM   452 H  HD21 A LEU B 1 10 ? 1.06585   -6.62031  3.29738   0.618 9.51547  ? 10  LEU B HD21 1 
ATOM   453 H  HD21 B LEU B 1 10 ? 1.34016   -6.88092  3.49320   0.382 8.32912  ? 10  LEU B HD21 1 
ATOM   454 H  HD22 A LEU B 1 10 ? 2.26896   -7.64632  3.45023   0.618 9.51547  ? 10  LEU B HD22 1 
ATOM   455 H  HD22 B LEU B 1 10 ? 2.56541   -7.77350  3.96816   0.382 8.32912  ? 10  LEU B HD22 1 
ATOM   456 H  HD23 A LEU B 1 10 ? 1.71569   -6.87552  4.72430   0.618 9.51547  ? 10  LEU B HD23 1 
ATOM   457 H  HD23 B LEU B 1 10 ? 1.86665   -6.77624  4.98832   0.382 8.32912  ? 10  LEU B HD23 1 
HETATM 458 N  N    A NH2 B 1 11 ? 6.33872   -5.55136  6.89964   0.643 5.58323  ? 11  NH2 B N    1 
HETATM 459 N  N    B NH2 B 1 11 ? 6.75893   -5.52143  7.05477   0.244 5.38665  ? 11  NH2 B N    1 
HETATM 460 H  HN1  A NH2 B 1 11 ? 6.13959   -5.38996  7.75024   0.643 6.69370  ? 11  NH2 B HN1  1 
HETATM 461 H  HN1  B NH2 B 1 11 ? 6.13271   -5.36150  7.66666   0.244 6.45780  ? 11  NH2 B HN1  1 
HETATM 462 H  HN2  A NH2 B 1 11 ? 6.95847   -6.18691  6.91901   0.643 6.69370  ? 11  NH2 B HN2  1 
HETATM 463 H  HN2  B NH2 B 1 11 ? 7.18196   -6.25152  7.33700   0.244 6.45780  ? 11  NH2 B HN2  1 
HETATM 464 CO CO   . CO  C 2 .  ? -9.62953  -4.34772  -3.50960  1.000 8.50776  ? 101 CO  A CO   1 
HETATM 465 C  C    . MOH D 3 .  ? 14.96578  -9.93669  -3.46170  1.000 17.90695 ? 101 MOH B C    1 
HETATM 466 O  O    . MOH D 3 .  ? 14.81178  -8.54499  -3.70519  1.000 17.74024 ? 101 MOH B O    1 
HETATM 467 H  H1   . MOH D 3 .  ? 14.84259  -10.44408 -4.28151  1.000 21.48217 ? 101 MOH B H1   1 
HETATM 468 H  H2   . MOH D 3 .  ? 14.34514  -10.25662 -2.79409  1.000 21.48217 ? 101 MOH B H2   1 
HETATM 469 H  H3   . MOH D 3 .  ? 15.87778  -10.04058 -3.14578  1.000 21.48217 ? 101 MOH B H3   1 
HETATM 470 H  HO   . MOH D 3 .  ? 15.12331  -8.13513  -3.02745  1.000 21.28212 ? 101 MOH B HO   1 
HETATM 471 C  C    A MOH E 3 .  ? 8.50810   -6.62612  9.12951   0.445 12.43272 ? 102 MOH B C    1 
HETATM 472 C  C    B MOH E 3 .  ? 8.68998   -3.11652  9.54919   0.555 15.18882 ? 102 MOH B C    1 
HETATM 473 O  O    A MOH E 3 .  ? 9.39664   -7.48953  8.44554   0.445 13.95706 ? 102 MOH B O    1 
HETATM 474 O  O    B MOH E 3 .  ? 9.01041   -4.32664  8.92084   0.555 17.34390 ? 102 MOH B O    1 
HETATM 475 H  H1   A MOH E 3 .  ? 8.54379   -6.79073  10.08418  0.445 14.91308 ? 102 MOH B H1   1 
HETATM 476 H  H1   B MOH E 3 .  ? 8.68033   -3.20947  10.51289  0.555 18.22041 ? 102 MOH B H1   1 
HETATM 477 H  H2   A MOH E 3 .  ? 7.59876   -6.74215  8.82291   0.445 14.91308 ? 102 MOH B H2   1 
HETATM 478 H  H2   B MOH E 3 .  ? 7.83449   -2.78782  9.24772   0.555 18.22041 ? 102 MOH B H2   1 
HETATM 479 H  H3   A MOH E 3 .  ? 8.81915   -5.72795  8.93714   0.445 14.91308 ? 102 MOH B H3   1 
HETATM 480 H  H3   B MOH E 3 .  ? 9.39278   -2.50948  9.27974   0.555 18.22041 ? 102 MOH B H3   1 
HETATM 481 H  HO   A MOH E 3 .  ? 10.09054  -7.56518  8.93004   0.445 16.74229 ? 102 MOH B HO   1 
HETATM 482 H  HO   B MOH E 3 .  ? 9.81111   -4.51426  9.13600   0.555 20.80651 ? 102 MOH B HO   1 
HETATM 483 O  O    . HOH F 4 .  ? -11.52903 -3.64122  -4.17113  1.000 11.81754 ? 201 HOH A O    1 
HETATM 484 O  O    . HOH F 4 .  ? -10.55524 -4.89942  -1.66133  1.000 11.53005 ? 202 HOH A O    1 
HETATM 485 O  O    . HOH F 4 .  ? -5.35345  -4.77808  -3.58766  1.000 11.08371 ? 203 HOH A O    1 
HETATM 486 O  O    . HOH F 4 .  ? -7.84559  -5.14866  -2.66002  1.000 9.26410  ? 204 HOH A O    1 
HETATM 487 O  O    . HOH F 4 .  ? -10.62514 -4.03904  0.06661   1.000 25.95402 ? 205 HOH A O    1 
HETATM 488 O  O    . HOH G 4 .  ? 11.50122  -6.93217  8.40665   1.000 29.93478 ? 201 HOH B O    1 
HETATM 489 O  O    . HOH G 4 .  ? 15.33446  -6.53753  -1.70662  1.000 13.19306 ? 202 HOH B O    1 
HETATM 490 O  O    . HOH G 4 .  ? 5.59492   6.96123   3.67225   1.000 19.48045 ? 203 HOH B O    1 
HETATM 491 O  O    . HOH G 4 .  ? 13.37685  -5.35780  2.16257   1.000 17.23221 ? 204 HOH B O    1 
HETATM 492 O  O    . HOH G 4 .  ? 10.81330  -7.26429  -1.10435  1.000 15.96461 ? 205 HOH B O    1 
HETATM 493 O  O    . HOH G 4 .  ? 12.97271  -5.46210  -0.71357  1.000 10.73437 ? 206 HOH B O    1 
# 
loop_
_atom_site_anisotrop.id 
_atom_site_anisotrop.type_symbol 
_atom_site_anisotrop.pdbx_label_atom_id 
_atom_site_anisotrop.pdbx_label_alt_id 
_atom_site_anisotrop.pdbx_label_comp_id 
_atom_site_anisotrop.pdbx_label_asym_id 
_atom_site_anisotrop.pdbx_label_seq_id 
_atom_site_anisotrop.pdbx_PDB_ins_code 
_atom_site_anisotrop.U[1][1] 
_atom_site_anisotrop.U[2][2] 
_atom_site_anisotrop.U[3][3] 
_atom_site_anisotrop.U[1][2] 
_atom_site_anisotrop.U[1][3] 
_atom_site_anisotrop.U[2][3] 
_atom_site_anisotrop.pdbx_auth_seq_id 
_atom_site_anisotrop.pdbx_auth_comp_id 
_atom_site_anisotrop.pdbx_auth_asym_id 
_atom_site_anisotrop.pdbx_auth_atom_id 
1   C  C   A ACE A 1  ? 0.08550 0.10840 0.03292 0.00736  0.00810  -0.01518 1   ACE A C   
2   C  C   B ACE A 1  ? 0.07955 0.10547 0.07634 0.02747  -0.00019 -0.00468 1   ACE A C   
3   O  O   A ACE A 1  ? 0.08647 0.11899 0.04590 0.01039  -0.00149 -0.00785 1   ACE A O   
4   O  O   B ACE A 1  ? 0.08257 0.11283 0.08520 0.01808  -0.00247 -0.00167 1   ACE A O   
13  N  N   A LEU A 2  ? 0.09148 0.10364 0.04193 -0.00466 -0.00917 -0.01245 2   LEU A N   
14  N  N   B LEU A 2  ? 0.07445 0.08916 0.06237 0.03103  -0.00035 -0.00460 2   LEU A N   
15  C  CA  A LEU A 2  ? 0.09262 0.08630 0.04918 0.00313  -0.00184 -0.01603 2   LEU A CA  
16  C  CA  B LEU A 2  ? 0.08589 0.08302 0.05572 0.02343  -0.00110 -0.00822 2   LEU A CA  
17  C  C   A LEU A 2  ? 0.09797 0.07816 0.05060 0.00681  -0.00936 -0.00957 2   LEU A C   
18  C  C   B LEU A 2  ? 0.09568 0.07950 0.04235 0.01724  -0.00956 -0.01070 2   LEU A C   
19  O  O   A LEU A 2  ? 0.09522 0.07009 0.07252 0.00547  -0.00136 -0.00531 2   LEU A O   
20  O  O   B LEU A 2  ? 0.09501 0.07802 0.03350 0.01509  -0.00864 -0.01704 2   LEU A O   
21  C  CB  A LEU A 2  ? 0.09245 0.08376 0.06119 -0.00636 -0.01168 -0.02350 2   LEU A CB  
22  C  CB  B LEU A 2  ? 0.08765 0.08923 0.06067 0.01523  0.00615  -0.01716 2   LEU A CB  
23  C  CG  A LEU A 2  ? 0.09676 0.08985 0.07372 -0.00893 -0.01801 -0.02529 2   LEU A CG  
24  C  CG  B LEU A 2  ? 0.09337 0.10275 0.07592 0.00657  0.00291  -0.01776 2   LEU A CG  
25  C  CD1 A LEU A 2  ? 0.10222 0.08687 0.06923 -0.01499 -0.03165 -0.02939 2   LEU A CD1 
26  C  CD1 B LEU A 2  ? 0.10156 0.10454 0.09975 -0.00752 -0.01233 -0.00871 2   LEU A CD1 
27  C  CD2 A LEU A 2  ? 0.10096 0.08453 0.10538 -0.01187 -0.02896 -0.01463 2   LEU A CD2 
28  C  CD2 B LEU A 2  ? 0.09660 0.10329 0.08231 0.00907  0.00400  -0.02346 2   LEU A CD2 
51  N  N   . AIB A 3  ? 0.10478 0.08963 0.03827 0.00693  -0.01433 -0.01111 3   AIB A N   
52  C  CA  . AIB A 3  ? 0.11376 0.07946 0.05400 0.01046  -0.02055 -0.01205 3   AIB A CA  
53  C  C   . AIB A 3  ? 0.10586 0.07846 0.05399 0.00819  -0.02124 -0.01413 3   AIB A C   
54  O  O   . AIB A 3  ? 0.10766 0.09542 0.05218 0.01128  -0.01042 -0.01485 3   AIB A O   
55  C  CB1 . AIB A 3  ? 0.12062 0.08471 0.07145 0.01850  -0.01319 -0.01426 3   AIB A CB1 
56  C  CB2 . AIB A 3  ? 0.13191 0.08676 0.06413 0.00055  -0.01710 -0.00856 3   AIB A CB2 
64  N  N   . GLU A 4  ? 0.10868 0.08522 0.05994 0.01351  -0.00660 -0.00400 4   GLU A N   
65  C  CA  . GLU A 4  ? 0.10013 0.08907 0.06691 0.00620  0.00451  -0.00959 4   GLU A CA  
66  C  C   . GLU A 4  ? 0.09004 0.08473 0.04858 0.00276  0.00451  -0.01506 4   GLU A C   
67  O  O   . GLU A 4  ? 0.08396 0.08829 0.05335 0.00313  -0.00090 -0.01249 4   GLU A O   
68  C  CB  . GLU A 4  ? 0.10452 0.09651 0.08999 0.00137  0.01357  -0.01039 4   GLU A CB  
69  C  CG  . GLU A 4  ? 0.10101 0.10385 0.09710 -0.00116 0.01433  -0.02195 4   GLU A CG  
70  C  CD  . GLU A 4  ? 0.10268 0.11087 0.12795 0.00900  0.00958  0.00023  4   GLU A CD  
71  O  OE1 . GLU A 4  ? 0.10221 0.11672 0.11886 0.00363  0.00917  -0.01326 4   GLU A OE1 
72  O  OE2 . GLU A 4  ? 0.12246 0.11462 0.14663 0.01442  -0.01075 0.00164  4   GLU A OE2 
79  N  N   . AIB A 5  ? 0.09039 0.08286 0.04637 0.00626  0.00121  -0.01458 5   AIB A N   
80  C  CA  . AIB A 5  ? 0.08623 0.07422 0.05304 0.00956  -0.00393 -0.01524 5   AIB A CA  
81  C  C   . AIB A 5  ? 0.08192 0.07079 0.03640 0.00138  -0.01053 -0.02095 5   AIB A C   
82  O  O   . AIB A 5  ? 0.08152 0.08360 0.04976 0.00103  -0.01085 -0.01975 5   AIB A O   
83  C  CB1 . AIB A 5  ? 0.08860 0.07991 0.06149 0.01290  -0.00062 -0.01497 5   AIB A CB1 
84  C  CB2 . AIB A 5  ? 0.09509 0.07064 0.05576 0.00778  -0.00929 -0.02398 5   AIB A CB2 
92  N  N   . LEU A 6  ? 0.08106 0.06954 0.04427 0.00832  -0.00346 -0.01447 6   LEU A N   
93  C  CA  . LEU A 6  ? 0.08346 0.06425 0.05978 0.02047  -0.00631 -0.02494 6   LEU A CA  
94  C  C   . LEU A 6  ? 0.08434 0.08192 0.04421 0.01189  -0.02444 -0.02020 6   LEU A C   
95  O  O   . LEU A 6  ? 0.08800 0.08846 0.03821 0.00654  -0.01421 -0.01049 6   LEU A O   
96  C  CB  . LEU A 6  ? 0.08262 0.07959 0.06032 0.02093  -0.00715 -0.02162 6   LEU A CB  
97  C  CG  . LEU A 6  ? 0.09254 0.08680 0.07177 0.01984  -0.00604 -0.01705 6   LEU A CG  
98  C  CD1 . LEU A 6  ? 0.09212 0.10518 0.07954 0.01147  0.01178  -0.00340 6   LEU A CD1 
99  C  CD2 . LEU A 6  ? 0.09802 0.09652 0.09249 0.02960  0.00235  -0.00831 6   LEU A CD2 
111 N  N   . HIS A 7  ? 0.08181 0.06828 0.06189 -0.00286 -0.01558 -0.01246 7   HIS A N   
112 C  CA  . HIS A 7  ? 0.08295 0.07052 0.06132 -0.00468 -0.01560 -0.00927 7   HIS A CA  
113 C  C   . HIS A 7  ? 0.08474 0.07546 0.04967 0.00393  -0.01453 -0.01118 7   HIS A C   
114 O  O   . HIS A 7  ? 0.10013 0.08934 0.06098 0.00589  -0.02188 -0.01113 7   HIS A O   
115 C  CB  . HIS A 7  ? 0.08096 0.07121 0.08288 -0.01491 -0.01784 -0.00124 7   HIS A CB  
116 C  CG  . HIS A 7  ? 0.09320 0.08352 0.09874 -0.00819 -0.01413 -0.03823 7   HIS A CG  
117 N  ND1 . HIS A 7  ? 0.11454 0.10043 0.13354 -0.02006 -0.01169 -0.04193 7   HIS A ND1 
118 C  CD2 . HIS A 7  ? 0.09878 0.11633 0.11526 -0.01529 -0.01335 -0.05033 7   HIS A CD2 
119 C  CE1 . HIS A 7  ? 0.12729 0.11544 0.14729 -0.03284 -0.00718 -0.04700 7   HIS A CE1 
120 N  NE2 . HIS A 7  ? 0.12374 0.13152 0.12420 -0.03225 -0.00766 -0.06367 7   HIS A NE2 
128 N  N   A TRP A 8  ? 0.09232 0.08139 0.06138 0.00575  -0.01013 -0.00304 8   TRP A N   
129 N  N   B TRP A 8  ? 0.08609 0.07406 0.06424 0.00322  -0.01271 -0.00147 8   TRP A N   
130 C  CA  A TRP A 8  ? 0.10475 0.08050 0.06927 0.00619  -0.02682 -0.00940 8   TRP A CA  
131 C  CA  B TRP A 8  ? 0.08911 0.06918 0.07348 0.00343  -0.01762 0.00030  8   TRP A CA  
132 C  C   A TRP A 8  ? 0.10772 0.08788 0.04676 0.00619  -0.02805 -0.00833 8   TRP A C   
133 C  C   B TRP A 8  ? 0.09554 0.07571 0.05393 0.00576  -0.01716 -0.00369 8   TRP A C   
134 O  O   A TRP A 8  ? 0.12045 0.10169 0.06509 0.00034  -0.02823 0.00730  8   TRP A O   
135 O  O   B TRP A 8  ? 0.10058 0.08174 0.06283 0.00528  -0.01839 0.00215  8   TRP A O   
136 C  CB  A TRP A 8  ? 0.10839 0.09471 0.09136 0.02133  -0.01944 -0.02058 8   TRP A CB  
137 C  CB  B TRP A 8  ? 0.08381 0.06550 0.10281 0.00491  -0.01687 0.00633  8   TRP A CB  
138 C  CG  A TRP A 8  ? 0.11575 0.11208 0.08834 0.03242  -0.01120 -0.03364 8   TRP A CG  
139 C  CG  B TRP A 8  ? 0.07994 0.06644 0.10215 0.00464  -0.01033 -0.00075 8   TRP A CG  
140 C  CD1 A TRP A 8  ? 0.13935 0.11879 0.14690 0.02762  -0.01545 -0.02505 8   TRP A CD1 
141 C  CD1 B TRP A 8  ? 0.08148 0.07848 0.10795 0.00284  0.00453  -0.00148 8   TRP A CD1 
142 C  CD2 A TRP A 8  ? 0.11709 0.12486 0.08456 0.04598  -0.00923 -0.04426 8   TRP A CD2 
143 C  CD2 B TRP A 8  ? 0.07827 0.06775 0.09535 0.00263  -0.00535 -0.00309 8   TRP A CD2 
144 N  NE1 A TRP A 8  ? 0.14935 0.11809 0.17094 0.04317  -0.00777 -0.02908 8   TRP A NE1 
145 N  NE1 B TRP A 8  ? 0.08741 0.07749 0.11675 -0.00646 0.00562  0.00180  8   TRP A NE1 
146 C  CE2 A TRP A 8  ? 0.13349 0.12153 0.14729 0.05149  -0.00179 -0.02568 8   TRP A CE2 
147 C  CE2 B TRP A 8  ? 0.08436 0.06328 0.12448 -0.00190 -0.00067 0.00583  8   TRP A CE2 
148 C  CE3 A TRP A 8  ? 0.12402 0.12990 0.13981 0.02967  -0.02225 -0.02248 8   TRP A CE3 
149 C  CE3 B TRP A 8  ? 0.08145 0.05972 0.11529 0.00152  -0.01028 0.00139  8   TRP A CE3 
150 C  CZ2 A TRP A 8  ? 0.13829 0.13904 0.15882 0.05291  -0.00306 -0.01592 8   TRP A CZ2 
151 C  CZ2 B TRP A 8  ? 0.08048 0.04934 0.12384 0.00000  0.00774  0.01383  8   TRP A CZ2 
152 C  CZ3 A TRP A 8  ? 0.14491 0.13488 0.18017 0.01427  -0.04185 -0.00307 8   TRP A CZ3 
153 C  CZ3 B TRP A 8  ? 0.08240 0.05068 0.12229 0.00033  -0.01406 0.01037  8   TRP A CZ3 
176 N  N   . AIB A 9  ? 0.09783 0.07115 0.04629 0.00691  -0.01441 -0.00919 9   AIB A N   
177 C  CA  . AIB A 9  ? 0.11578 0.07375 0.04825 -0.00496 -0.01501 -0.01313 9   AIB A CA  
178 C  C   . AIB A 9  ? 0.11466 0.06558 0.05290 -0.00777 -0.02069 -0.00780 9   AIB A C   
179 O  O   . AIB A 9  ? 0.13376 0.07555 0.05025 -0.01247 -0.01928 0.00014  9   AIB A O   
180 C  CB1 . AIB A 9  ? 0.13835 0.07463 0.05166 -0.00076 -0.01179 -0.01116 9   AIB A CB1 
181 C  CB2 . AIB A 9  ? 0.11618 0.08934 0.04895 -0.01443 -0.01876 -0.01486 9   AIB A CB2 
189 N  N   A LEU A 10 ? 0.10553 0.06569 0.04441 -0.00852 -0.01710 -0.01984 10  LEU A N   
190 N  N   B LEU A 10 ? 0.11494 0.07742 0.04477 -0.01821 -0.01068 -0.00405 10  LEU A N   
191 C  CA  A LEU A 10 ? 0.11700 0.06986 0.04797 -0.00562 -0.00804 -0.02351 10  LEU A CA  
192 C  CA  B LEU A 10 ? 0.11206 0.08931 0.04090 -0.02365 -0.00522 -0.00099 10  LEU A CA  
193 C  C   A LEU A 10 ? 0.12744 0.09668 0.04943 -0.00139 -0.01942 -0.01222 10  LEU A C   
194 C  C   B LEU A 10 ? 0.09443 0.08683 0.02828 -0.01426 0.00362  -0.00907 10  LEU A C   
195 O  O   A LEU A 10 ? 0.13599 0.10984 0.05369 0.00786  -0.00887 -0.01247 10  LEU A O   
196 O  O   B LEU A 10 ? 0.09812 0.09539 0.02817 -0.01017 0.00601  -0.00599 10  LEU A O   
197 C  CB  A LEU A 10 ? 0.10554 0.06964 0.05713 -0.00269 0.00195  -0.02159 10  LEU A CB  
198 C  CB  B LEU A 10 ? 0.11996 0.10697 0.06543 -0.02806 -0.00752 0.00605  10  LEU A CB  
199 C  CG  A LEU A 10 ? 0.09907 0.09030 0.05669 0.00326  -0.00439 -0.03192 10  LEU A CG  
200 C  CG  B LEU A 10 ? 0.12298 0.12644 0.08989 -0.02842 -0.01253 0.01553  10  LEU A CG  
201 C  CD1 A LEU A 10 ? 0.10261 0.07265 0.07333 0.01563  -0.01370 -0.04032 10  LEU A CD1 
202 C  CD1 B LEU A 10 ? 0.12550 0.12698 0.12144 -0.02849 -0.01518 0.02671  10  LEU A CD1 
203 C  CD2 A LEU A 10 ? 0.09732 0.10564 0.08733 -0.00152 0.00457  -0.02178 10  LEU A CD2 
204 C  CD2 B LEU A 10 ? 0.12372 0.13941 0.07524 -0.02895 -0.01133 0.01531  10  LEU A CD2 
227 N  N   A NH2 A 11 ? 0.15270 0.09528 0.11238 0.01088  -0.05862 -0.04025 11  NH2 A N   
228 N  N   B NH2 A 11 ? 0.10465 0.09291 0.03096 -0.02125 0.00354  -0.00448 11  NH2 A N   
233 C  C   . ACE B 1  ? 0.11076 0.09060 0.06982 -0.00790 -0.00908 -0.00928 1   ACE B C   
234 O  O   . ACE B 1  ? 0.11792 0.10166 0.07788 -0.01297 -0.02179 0.01605  1   ACE B O   
239 N  N   . LEU B 2  ? 0.10247 0.07620 0.06109 0.00634  -0.00908 -0.01610 2   LEU B N   
240 C  CA  . LEU B 2  ? 0.09460 0.07572 0.05732 0.00893  -0.00161 -0.00789 2   LEU B CA  
241 C  C   . LEU B 2  ? 0.09766 0.07726 0.06203 0.01072  -0.00330 -0.00775 2   LEU B C   
242 O  O   . LEU B 2  ? 0.09462 0.07697 0.06091 0.00553  0.00235  0.00139  2   LEU B O   
243 C  CB  . LEU B 2  ? 0.09247 0.07549 0.07039 0.00189  -0.00171 -0.01124 2   LEU B CB  
244 C  CG  . LEU B 2  ? 0.09813 0.07444 0.08313 -0.00552 -0.01701 -0.00787 2   LEU B CG  
245 C  CD1 . LEU B 2  ? 0.09784 0.08758 0.09343 -0.00510 0.00644  0.00361  2   LEU B CD1 
246 C  CD2 . LEU B 2  ? 0.10219 0.08474 0.10405 -0.01115 -0.02228 -0.01372 2   LEU B CD2 
258 N  N   . AIB B 3  ? 0.10259 0.07365 0.06346 0.01254  0.00107  -0.01232 3   AIB B N   
259 C  CA  . AIB B 3  ? 0.10659 0.07928 0.06724 0.01248  0.00721  -0.01206 3   AIB B CA  
260 C  C   . AIB B 3  ? 0.09790 0.08055 0.06886 0.00968  0.00200  -0.00740 3   AIB B C   
261 O  O   . AIB B 3  ? 0.09909 0.08059 0.10174 0.00512  -0.00918 0.01074  3   AIB B O   
262 C  CB1 . AIB B 3  ? 0.11167 0.07966 0.08642 0.01613  -0.00688 -0.01373 3   AIB B CB1 
263 C  CB2 . AIB B 3  ? 0.11636 0.09413 0.08154 0.02098  0.00905  0.00631  3   AIB B CB2 
271 N  N   . GLU B 4  ? 0.10043 0.08277 0.07752 -0.00798 -0.00606 0.00063  4   GLU B N   
272 C  CA  . GLU B 4  ? 0.09191 0.09655 0.08077 -0.00060 -0.01262 -0.00553 4   GLU B CA  
273 C  C   . GLU B 4  ? 0.08877 0.08555 0.06663 0.00051  -0.00321 0.00050  4   GLU B C   
274 O  O   . GLU B 4  ? 0.09501 0.07553 0.08782 -0.00173 -0.00886 0.00675  4   GLU B O   
275 C  CB  . GLU B 4  ? 0.08928 0.09587 0.09626 -0.00218 -0.00552 -0.00508 4   GLU B CB  
276 C  CG  . GLU B 4  ? 0.08987 0.09131 0.10096 -0.00931 -0.00962 -0.01497 4   GLU B CG  
277 C  CD  . GLU B 4  ? 0.08996 0.09452 0.11906 -0.00324 -0.00128 -0.01812 4   GLU B CD  
278 O  OE1 . GLU B 4  ? 0.10558 0.07950 0.18551 -0.00800 -0.01074 0.01152  4   GLU B OE1 
279 O  OE2 . GLU B 4  ? 0.09477 0.10230 0.12516 -0.00566 -0.00960 -0.02732 4   GLU B OE2 
286 N  N   . AIB B 5  ? 0.08250 0.07995 0.06058 0.00355  -0.00992 -0.00613 5   AIB B N   
287 C  CA  . AIB B 5  ? 0.08900 0.07797 0.06904 0.00273  -0.00502 -0.00807 5   AIB B CA  
288 C  C   . AIB B 5  ? 0.08740 0.07547 0.06025 0.00705  -0.00786 -0.01414 5   AIB B C   
289 O  O   . AIB B 5  ? 0.08860 0.07259 0.06764 0.00286  -0.00790 -0.00223 5   AIB B O   
290 C  CB1 . AIB B 5  ? 0.09552 0.08941 0.06753 -0.00392 -0.01848 -0.01273 5   AIB B CB1 
291 C  CB2 . AIB B 5  ? 0.09385 0.07485 0.08091 0.00768  -0.00288 -0.00730 5   AIB B CB2 
299 N  N   . LEU B 6  ? 0.09186 0.06414 0.07164 0.00195  -0.00695 -0.00768 6   LEU B N   
300 C  CA  . LEU B 6  ? 0.08460 0.07143 0.07488 0.00711  -0.00321 -0.01168 6   LEU B CA  
301 C  C   . LEU B 6  ? 0.08683 0.08593 0.07128 0.00303  -0.00932 -0.00541 6   LEU B C   
302 O  O   . LEU B 6  ? 0.09374 0.07434 0.07462 0.00274  -0.01324 -0.00600 6   LEU B O   
303 C  CB  . LEU B 6  ? 0.08872 0.07689 0.07245 0.00090  -0.01552 -0.01316 6   LEU B CB  
304 C  CG  . LEU B 6  ? 0.09767 0.07436 0.09472 -0.00389 -0.01814 -0.01572 6   LEU B CG  
305 C  CD1 . LEU B 6  ? 0.09880 0.07598 0.11081 0.00124  -0.00680 -0.01334 6   LEU B CD1 
306 C  CD2 . LEU B 6  ? 0.11404 0.08646 0.10640 -0.00596 -0.03395 -0.01978 6   LEU B CD2 
318 N  N   . HIS B 7  ? 0.08468 0.07692 0.07583 0.00850  -0.00512 -0.00528 7   HIS B N   
319 C  CA  . HIS B 7  ? 0.08248 0.08506 0.08085 0.00263  -0.00504 -0.01001 7   HIS B CA  
320 C  C   . HIS B 7  ? 0.08602 0.07853 0.08400 0.00098  -0.00876 -0.00249 7   HIS B C   
321 O  O   . HIS B 7  ? 0.09001 0.07264 0.09350 0.01428  -0.00190 0.00560  7   HIS B O   
322 C  CB  . HIS B 7  ? 0.08410 0.09443 0.09325 0.00786  -0.00481 -0.01155 7   HIS B CB  
323 C  CG  . HIS B 7  ? 0.09112 0.10449 0.08935 0.01517  -0.00459 -0.02062 7   HIS B CG  
324 N  ND1 . HIS B 7  ? 0.09782 0.11602 0.11425 0.01495  0.00920  -0.01329 7   HIS B ND1 
325 C  CD2 . HIS B 7  ? 0.10281 0.11558 0.11353 0.01036  -0.00623 -0.01184 7   HIS B CD2 
326 C  CE1 . HIS B 7  ? 0.09596 0.11934 0.12572 0.02442  0.01013  -0.01732 7   HIS B CE1 
327 N  NE2 . HIS B 7  ? 0.10741 0.11393 0.12179 0.02102  -0.00866 -0.01855 7   HIS B NE2 
335 N  N   A TRP B 8  ? 0.09351 0.06679 0.07676 0.00265  -0.01557 0.00055  8   TRP B N   
336 N  N   B TRP B 8  ? 0.08553 0.06892 0.07962 0.00149  -0.01547 -0.00029 8   TRP B N   
337 N  N   C TRP B 8  ? 0.08898 0.07078 0.08374 0.00401  -0.01291 -0.00082 8   TRP B N   
338 C  CA  A TRP B 8  ? 0.09266 0.07477 0.07204 -0.00123 -0.01458 -0.00601 8   TRP B CA  
339 C  CA  B TRP B 8  ? 0.08028 0.06874 0.07304 -0.00036 -0.01804 -0.00452 8   TRP B CA  
340 C  CA  C TRP B 8  ? 0.08682 0.07336 0.08203 0.00423  -0.01243 -0.00564 8   TRP B CA  
341 C  C   A TRP B 8  ? 0.09304 0.06558 0.07677 0.00167  -0.01959 0.00003  8   TRP B C   
342 C  C   B TRP B 8  ? 0.08442 0.05830 0.07604 0.00282  -0.01782 -0.00654 8   TRP B C   
343 C  C   C TRP B 8  ? 0.08767 0.06228 0.07320 0.00620  -0.01352 -0.00905 8   TRP B C   
344 O  O   A TRP B 8  ? 0.10356 0.07006 0.07558 0.00454  -0.01814 0.01144  8   TRP B O   
345 O  O   B TRP B 8  ? 0.08872 0.05070 0.07892 0.00498  -0.01674 -0.00942 8   TRP B O   
346 O  O   C TRP B 8  ? 0.09226 0.05793 0.06638 0.01032  -0.00983 -0.01289 8   TRP B O   
347 C  CB  A TRP B 8  ? 0.09630 0.09170 0.08827 -0.00043 -0.01551 -0.00393 8   TRP B CB  
348 C  CB  B TRP B 8  ? 0.07325 0.07707 0.07536 -0.00113 -0.02447 -0.00088 8   TRP B CB  
349 C  CB  C TRP B 8  ? 0.08629 0.08447 0.10283 0.00713  -0.01545 0.00020  8   TRP B CB  
350 C  CG  A TRP B 8  ? 0.08915 0.09255 0.07671 0.00225  0.00455  -0.01095 8   TRP B CG  
351 C  CG  B TRP B 8  ? 0.05962 0.07703 0.05877 -0.00122 -0.01908 -0.00427 8   TRP B CG  
352 C  CG  C TRP B 8  ? 0.07947 0.08729 0.10398 0.01135  -0.00737 -0.00142 8   TRP B CG  
353 C  CD1 A TRP B 8  ? 0.09450 0.10033 0.11663 0.00282  0.01609  -0.00451 8   TRP B CD1 
354 C  CD1 B TRP B 8  ? 0.05601 0.08677 0.08032 0.00205  -0.01305 -0.00321 8   TRP B CD1 
355 C  CD1 C TRP B 8  ? 0.08179 0.08667 0.12693 0.00965  -0.00463 -0.00035 8   TRP B CD1 
356 C  CD2 A TRP B 8  ? 0.09149 0.09980 0.06472 0.00317  0.01307  -0.01646 8   TRP B CD2 
357 C  CD2 B TRP B 8  ? 0.05503 0.07515 0.04417 0.00293  -0.01325 -0.00841 8   TRP B CD2 
358 C  CD2 C TRP B 8  ? 0.07697 0.09310 0.09903 0.01183  -0.00087 0.00226  8   TRP B CD2 
359 N  NE1 A TRP B 8  ? 0.09780 0.10188 0.10704 0.00175  0.03267  0.00289  8   TRP B NE1 
360 N  NE1 B TRP B 8  ? 0.05343 0.09041 0.05910 0.00648  -0.00569 -0.00457 8   TRP B NE1 
361 N  NE1 C TRP B 8  ? 0.08050 0.08511 0.12064 0.00811  -0.00388 0.00174  8   TRP B NE1 
362 C  CE2 A TRP B 8  ? 0.09928 0.10888 0.08359 0.00035  0.01713  -0.00501 8   TRP B CE2 
363 C  CE2 B TRP B 8  ? 0.05492 0.08276 0.03259 0.00012  -0.01652 -0.01241 8   TRP B CE2 
364 C  CE2 C TRP B 8  ? 0.08265 0.09815 0.09343 0.01086  -0.00651 -0.00114 8   TRP B CE2 
365 C  CE3 A TRP B 8  ? 0.09830 0.10227 0.08457 -0.00189 -0.00009 -0.01611 8   TRP B CE3 
366 C  CE3 B TRP B 8  ? 0.05225 0.07135 0.06603 -0.00218 -0.01315 -0.00024 8   TRP B CE3 
367 C  CE3 C TRP B 8  ? 0.07973 0.09738 0.11690 0.01349  0.00704  0.01390  8   TRP B CE3 
368 C  CZ2 A TRP B 8  ? 0.11356 0.11561 0.11238 -0.00245 0.01130  0.00853  8   TRP B CZ2 
369 C  CZ2 B TRP B 8  ? 0.04321 0.08691 0.02694 0.00618  -0.00709 -0.01201 8   TRP B CZ2 
370 C  CZ2 C TRP B 8  ? 0.09124 0.09862 0.08392 0.00648  -0.01956 -0.00689 8   TRP B CZ2 
371 C  CZ3 A TRP B 8  ? 0.10909 0.10795 0.11030 -0.00408 -0.00802 -0.00984 8   TRP B CZ3 
372 C  CZ3 B TRP B 8  ? 0.05100 0.05962 0.07035 -0.00176 -0.01513 -0.00052 8   TRP B CZ3 
373 C  CZ3 C TRP B 8  ? 0.08336 0.09409 0.11643 0.01354  0.01059  0.01321  8   TRP B CZ3 
407 N  N   . AIB B 9  ? 0.08703 0.05504 0.07869 0.00551  -0.01379 -0.00619 9   AIB B N   
408 C  CA  . AIB B 9  ? 0.08907 0.06034 0.07700 0.00286  -0.00363 -0.01233 9   AIB B CA  
409 C  C   . AIB B 9  ? 0.08963 0.05688 0.06235 0.01050  -0.00546 -0.01618 9   AIB B C   
410 O  O   . AIB B 9  ? 0.10004 0.06613 0.06443 0.00659  0.00391  -0.00528 9   AIB B O   
411 C  CB1 . AIB B 9  ? 0.09978 0.07130 0.07134 0.00371  -0.00066 -0.01208 9   AIB B CB1 
412 C  CB2 . AIB B 9  ? 0.08080 0.06191 0.08754 0.01006  -0.01177 -0.00476 9   AIB B CB2 
420 N  N   A LEU B 10 ? 0.08708 0.06546 0.05657 0.00609  0.00261  -0.01448 10  LEU B N   
421 N  N   B LEU B 10 ? 0.07987 0.05668 0.07058 0.01226  0.00368  -0.01477 10  LEU B N   
422 C  CA  A LEU B 10 ? 0.08876 0.07146 0.06629 0.00514  -0.00169 -0.01014 10  LEU B CA  
423 C  CA  B LEU B 10 ? 0.07390 0.05739 0.07201 0.01480  0.00559  -0.01825 10  LEU B CA  
424 C  C   A LEU B 10 ? 0.09164 0.07246 0.05268 0.00578  -0.00704 -0.01230 10  LEU B C   
425 C  C   B LEU B 10 ? 0.07617 0.06170 0.04168 0.01217  0.00754  -0.02514 10  LEU B C   
426 O  O   A LEU B 10 ? 0.10246 0.06078 0.08311 0.00260  -0.01706 -0.00720 10  LEU B O   
427 O  O   B LEU B 10 ? 0.07674 0.07185 0.04554 0.00445  0.00791  -0.02042 10  LEU B O   
428 C  CB  A LEU B 10 ? 0.08636 0.07191 0.07009 0.00019  -0.00546 -0.02082 10  LEU B CB  
429 C  CB  B LEU B 10 ? 0.07099 0.05348 0.08964 0.01800  -0.01042 -0.02377 10  LEU B CB  
430 C  CG  A LEU B 10 ? 0.08874 0.06990 0.09952 0.00762  -0.00338 -0.02078 10  LEU B CG  
431 C  CG  B LEU B 10 ? 0.07351 0.05600 0.11450 0.02380  -0.02040 -0.02586 10  LEU B CG  
432 C  CD1 A LEU B 10 ? 0.09465 0.05909 0.08935 0.01319  -0.01478 -0.02740 10  LEU B CD1 
433 C  CD1 B LEU B 10 ? 0.07965 0.05831 0.11359 0.02455  -0.03416 -0.03301 10  LEU B CD1 
434 C  CD2 A LEU B 10 ? 0.09297 0.07832 0.13019 -0.00140 -0.01635 -0.01506 10  LEU B CD2 
435 C  CD2 B LEU B 10 ? 0.07221 0.05633 0.13538 0.02342  -0.02617 -0.02545 10  LEU B CD2 
458 N  N   A NH2 B 11 ? 0.07977 0.07119 0.06118 0.02059  -0.01935 -0.01238 11  NH2 B N   
459 N  N   B NH2 B 11 ? 0.08380 0.05568 0.06519 0.01521  0.00524  -0.02328 11  NH2 B N   
464 CO CO  . CO  C .  ? 0.09416 0.09034 0.13877 -0.00369 0.00145  -0.01515 101 CO  A CO  
465 C  C   . MOH D .  ? 0.18028 0.19842 0.30169 -0.02259 -0.02153 -0.08260 101 MOH B C   
466 O  O   . MOH D .  ? 0.18351 0.20700 0.28353 -0.01917 -0.01356 -0.08917 101 MOH B O   
471 C  C   A MOH E .  ? 0.10056 0.26678 0.10504 0.04110  -0.02762 -0.03483 102 MOH B C   
472 C  C   B MOH E .  ? 0.10831 0.31033 0.15846 -0.01865 -0.02202 0.02801  102 MOH B C   
473 O  O   A MOH E .  ? 0.10968 0.25879 0.16183 0.02961  -0.03340 -0.01886 102 MOH B O   
474 O  O   B MOH E .  ? 0.12074 0.32861 0.20964 -0.02795 -0.04263 0.05012  102 MOH B O   
483 O  O   . HOH F .  ? 0.12327 0.15209 0.17365 0.03018  -0.00801 -0.03506 201 HOH A O   
484 O  O   . HOH F .  ? 0.15610 0.12140 0.16059 -0.01459 0.04723  -0.01201 202 HOH A O   
485 O  O   . HOH F .  ? 0.17942 0.12918 0.11253 0.02743  -0.00193 -0.00715 203 HOH A O   
486 O  O   . HOH F .  ? 0.11147 0.11232 0.12819 -0.00877 -0.00288 -0.00812 204 HOH A O   
487 O  O   . HOH F .  ? 0.23439 0.21170 0.54005 0.04880  -0.00480 0.08416  205 HOH A O   
488 O  O   . HOH G .  ? 0.41684 0.32886 0.39169 -0.01445 -0.08957 0.02328  201 HOH B O   
489 O  O   . HOH G .  ? 0.13982 0.24776 0.11369 0.04568  -0.03609 -0.04203 202 HOH B O   
490 O  O   . HOH G .  ? 0.16348 0.23312 0.34356 0.03872  -0.04026 -0.08155 203 HOH B O   
491 O  O   . HOH G .  ? 0.18416 0.27111 0.19948 0.02283  -0.11052 -0.02309 204 HOH B O   
492 O  O   . HOH G .  ? 0.20305 0.14960 0.25394 -0.01674 -0.07765 0.00745  205 HOH B O   
493 O  O   . HOH G .  ? 0.11355 0.11377 0.18055 -0.00063 -0.01223 0.00702  206 HOH B O   
# 
